data_8J56
#
_entry.id   8J56
#
_cell.length_a   124.533
_cell.length_b   124.533
_cell.length_c   173.853
_cell.angle_alpha   90.000
_cell.angle_beta   90.000
_cell.angle_gamma   120.000
#
_symmetry.space_group_name_H-M   'P 32 2 1'
#
loop_
_entity.id
_entity.type
_entity.pdbx_description
1 polymer 'Flagellar transcriptional regulator FlhD'
2 polymer 'Flagellar transcriptional regulator FlhC'
3 non-polymer 'ZINC ION'
#
loop_
_entity_poly.entity_id
_entity_poly.type
_entity_poly.pdbx_seq_one_letter_code
_entity_poly.pdbx_strand_id
1 'polypeptide(L)'
;GSAKDPLESSEVLQEIREVNLAYLLLAQRLVRENQVEAMFRLGVSKEIADILAKLTSAQLVKLAASNMVLCRFRFDDHAL
LSTLTHTAKSHDMQQIHAAILLARQPVESLN
;
A,B,D,E
2 'polypeptide(L)'
;LTALLQAEPTRSYTATSVPSRKSVLQDANQTQLAIELIGLGARLQVLEAETTLSRDRLIRLYKELRGVSPPKGMLPFSTD
WFTTWLPNIHSSLFFSAYQFMVQEGETVGIRAVVAAYRLYLEHVSLLGGEIVLSFTRAWTLVRFFESNMLQLSRCTCCGG
QFVTHAYEPHANFVCSLCRPPSRAGKVKKLSKDAAAVQTNA
;
C,F
#
# COMPACT_ATOMS: atom_id res chain seq x y z
N SER A 10 7.11 -2.08 11.46
CA SER A 10 7.44 -0.98 12.38
C SER A 10 7.89 0.25 11.61
N GLU A 11 8.07 0.09 10.30
CA GLU A 11 8.42 1.23 9.44
C GLU A 11 7.30 2.27 9.43
N VAL A 12 6.05 1.82 9.49
CA VAL A 12 4.93 2.75 9.54
C VAL A 12 5.01 3.61 10.80
N LEU A 13 5.37 3.00 11.93
CA LEU A 13 5.51 3.77 13.17
C LEU A 13 6.65 4.78 13.06
N GLN A 14 7.76 4.39 12.44
CA GLN A 14 8.90 5.27 12.35
C GLN A 14 8.56 6.54 11.56
N GLU A 15 7.84 6.38 10.45
CA GLU A 15 7.41 7.54 9.67
C GLU A 15 6.43 8.40 10.44
N ILE A 16 5.54 7.77 11.22
CA ILE A 16 4.60 8.54 12.03
C ILE A 16 5.35 9.37 13.05
N ARG A 17 6.31 8.76 13.75
CA ARG A 17 7.10 9.49 14.73
C ARG A 17 7.86 10.64 14.07
N GLU A 18 8.33 10.43 12.83
CA GLU A 18 9.11 11.46 12.15
C GLU A 18 8.23 12.63 11.72
N VAL A 19 7.01 12.36 11.28
CA VAL A 19 6.15 13.44 10.79
C VAL A 19 5.67 14.30 11.96
N ASN A 20 5.28 13.68 13.08
CA ASN A 20 4.88 14.43 14.26
C ASN A 20 5.96 15.42 14.67
N LEU A 21 7.20 14.94 14.80
CA LEU A 21 8.28 15.82 15.21
C LEU A 21 8.52 16.92 14.18
N ALA A 22 8.31 16.60 12.89
CA ALA A 22 8.46 17.61 11.85
C ALA A 22 7.46 18.75 12.03
N TYR A 23 6.20 18.41 12.33
CA TYR A 23 5.20 19.45 12.57
C TYR A 23 5.52 20.27 13.81
N LEU A 24 5.85 19.58 14.92
CA LEU A 24 6.13 20.29 16.16
C LEU A 24 7.29 21.26 16.00
N LEU A 25 8.36 20.83 15.32
CA LEU A 25 9.50 21.71 15.09
C LEU A 25 9.11 22.94 14.29
N LEU A 26 8.28 22.76 13.25
CA LEU A 26 7.89 23.90 12.41
C LEU A 26 6.97 24.85 13.17
N ALA A 27 5.95 24.32 13.84
CA ALA A 27 5.06 25.16 14.62
C ALA A 27 5.84 25.92 15.69
N GLN A 28 6.82 25.27 16.30
CA GLN A 28 7.65 25.92 17.32
C GLN A 28 8.45 27.07 16.73
N ARG A 29 9.07 26.86 15.56
CA ARG A 29 9.82 27.94 14.93
C ARG A 29 8.91 29.08 14.52
N LEU A 30 7.72 28.75 14.00
CA LEU A 30 6.78 29.78 13.59
C LEU A 30 6.36 30.64 14.77
N VAL A 31 5.95 30.02 15.87
CA VAL A 31 5.52 30.76 17.05
C VAL A 31 6.67 31.58 17.62
N ARG A 32 7.87 30.99 17.68
CA ARG A 32 9.01 31.68 18.29
C ARG A 32 9.41 32.91 17.47
N GLU A 33 9.34 32.82 16.14
CA GLU A 33 9.72 33.95 15.29
C GLU A 33 8.67 35.06 15.33
N ASN A 34 7.39 34.70 15.25
CA ASN A 34 6.32 35.69 15.15
C ASN A 34 5.04 35.07 15.68
N GLN A 35 4.81 35.22 17.00
CA GLN A 35 3.68 34.58 17.64
C GLN A 35 2.35 35.11 17.11
N VAL A 36 2.20 36.45 17.07
CA VAL A 36 0.94 37.04 16.65
C VAL A 36 0.53 36.55 15.27
N GLU A 37 1.50 36.36 14.39
CA GLU A 37 1.20 35.90 13.04
C GLU A 37 1.15 34.38 12.94
N ALA A 38 1.95 33.68 13.75
CA ALA A 38 1.96 32.22 13.70
C ALA A 38 0.63 31.65 14.18
N MET A 39 0.08 32.21 15.26
CA MET A 39 -1.24 31.77 15.72
C MET A 39 -2.26 31.83 14.59
N PHE A 40 -2.16 32.86 13.74
CA PHE A 40 -3.04 32.97 12.59
C PHE A 40 -2.73 31.89 11.58
N ARG A 41 -1.45 31.76 11.22
CA ARG A 41 -1.06 30.82 10.17
C ARG A 41 -1.33 29.38 10.59
N LEU A 42 -1.07 29.06 11.85
CA LEU A 42 -1.27 27.69 12.35
C LEU A 42 -2.69 27.43 12.82
N GLY A 43 -3.51 28.47 12.99
CA GLY A 43 -4.84 28.34 13.54
C GLY A 43 -4.83 27.78 14.94
N VAL A 44 -4.07 28.40 15.84
CA VAL A 44 -3.85 27.90 17.18
C VAL A 44 -3.99 29.05 18.17
N SER A 45 -4.45 28.74 19.38
CA SER A 45 -4.63 29.75 20.41
C SER A 45 -3.29 30.20 20.98
N LYS A 46 -3.30 31.39 21.60
CA LYS A 46 -2.09 31.93 22.23
C LYS A 46 -1.55 30.98 23.29
N GLU A 47 -2.43 30.48 24.15
CA GLU A 47 -1.98 29.62 25.24
C GLU A 47 -1.28 28.39 24.70
N ILE A 48 -1.80 27.83 23.60
CA ILE A 48 -1.12 26.69 22.98
C ILE A 48 0.18 27.16 22.32
N ALA A 49 0.14 28.30 21.64
CA ALA A 49 1.34 28.84 21.02
C ALA A 49 2.43 29.06 22.06
N ASP A 50 2.06 29.54 23.24
CA ASP A 50 3.04 29.70 24.31
C ASP A 50 3.61 28.35 24.76
N ILE A 51 2.77 27.32 24.83
CA ILE A 51 3.27 26.00 25.23
C ILE A 51 4.26 25.47 24.21
N LEU A 52 3.96 25.64 22.91
CA LEU A 52 4.83 25.12 21.87
C LEU A 52 6.21 25.75 21.92
N ALA A 53 6.26 27.06 22.17
CA ALA A 53 7.54 27.75 22.20
C ALA A 53 8.41 27.26 23.36
N LYS A 54 7.80 26.99 24.51
CA LYS A 54 8.53 26.63 25.72
C LYS A 54 8.79 25.13 25.84
N LEU A 55 8.65 24.36 24.76
CA LEU A 55 8.90 22.93 24.80
C LEU A 55 10.37 22.62 24.54
N THR A 56 10.92 21.72 25.36
CA THR A 56 12.28 21.29 25.14
C THR A 56 12.36 20.32 23.96
N SER A 57 13.59 20.02 23.55
CA SER A 57 13.79 19.05 22.49
C SER A 57 13.35 17.66 22.94
N ALA A 58 13.63 17.31 24.19
CA ALA A 58 13.22 16.01 24.71
C ALA A 58 11.69 15.89 24.75
N GLN A 59 11.01 16.97 25.16
CA GLN A 59 9.55 16.97 25.18
C GLN A 59 8.97 16.73 23.80
N LEU A 60 9.52 17.42 22.79
CA LEU A 60 9.03 17.30 21.42
C LEU A 60 9.15 15.86 20.92
N VAL A 61 10.24 15.18 21.27
CA VAL A 61 10.38 13.77 20.89
C VAL A 61 9.33 12.94 21.60
N LYS A 62 9.25 13.05 22.93
CA LYS A 62 8.31 12.24 23.69
C LYS A 62 6.87 12.53 23.30
N LEU A 63 6.56 13.76 22.92
CA LEU A 63 5.24 14.07 22.40
C LEU A 63 5.01 13.42 21.04
N ALA A 64 6.03 13.46 20.18
CA ALA A 64 5.88 12.96 18.82
C ALA A 64 5.93 11.43 18.74
N ALA A 65 6.42 10.77 19.79
CA ALA A 65 6.57 9.31 19.78
C ALA A 65 5.25 8.65 20.16
N SER A 66 4.31 8.67 19.20
CA SER A 66 3.02 8.04 19.36
C SER A 66 2.71 7.23 18.11
N ASN A 67 1.68 6.38 18.21
CA ASN A 67 1.20 5.64 17.06
C ASN A 67 0.10 6.37 16.33
N MET A 68 -0.16 7.64 16.67
CA MET A 68 -1.19 8.45 16.06
C MET A 68 -0.61 9.73 15.50
N VAL A 69 -1.19 10.18 14.39
CA VAL A 69 -0.78 11.42 13.73
C VAL A 69 -1.28 12.61 14.54
N LEU A 70 -0.39 13.55 14.82
CA LEU A 70 -0.65 14.65 15.75
C LEU A 70 -1.33 15.86 15.14
N CYS A 71 -1.57 15.88 13.83
CA CYS A 71 -2.25 17.00 13.21
C CYS A 71 -3.25 16.51 12.17
N ARG A 72 -4.34 17.26 12.01
CA ARG A 72 -5.39 16.93 11.06
C ARG A 72 -5.21 17.72 9.78
N PHE A 73 -6.31 18.07 9.11
CA PHE A 73 -6.20 18.66 7.79
C PHE A 73 -7.48 19.47 7.51
N ARG A 74 -7.33 20.51 6.70
CA ARG A 74 -8.47 21.36 6.31
C ARG A 74 -9.61 20.57 5.66
N LEU B 7 6.97 38.16 8.90
CA LEU B 7 8.35 38.19 8.44
C LEU B 7 8.71 36.92 7.69
N GLU B 8 7.80 35.94 7.73
CA GLU B 8 8.10 34.61 7.23
C GLU B 8 8.23 34.60 5.71
N SER B 9 9.43 34.24 5.25
CA SER B 9 9.66 33.85 3.86
C SER B 9 11.05 33.21 3.80
N SER B 10 11.52 32.97 2.58
CA SER B 10 12.84 32.39 2.30
C SER B 10 12.93 31.00 2.91
N GLU B 11 13.81 30.76 3.89
CA GLU B 11 13.99 29.42 4.42
C GLU B 11 12.72 28.89 5.09
N VAL B 12 11.96 29.77 5.74
CA VAL B 12 10.77 29.34 6.46
C VAL B 12 9.76 28.72 5.50
N LEU B 13 9.60 29.32 4.33
CA LEU B 13 8.65 28.78 3.36
C LEU B 13 9.09 27.42 2.85
N GLN B 14 10.40 27.14 2.85
CA GLN B 14 10.90 25.83 2.47
C GLN B 14 10.45 24.76 3.45
N GLU B 15 10.49 25.06 4.76
CA GLU B 15 10.08 24.09 5.76
C GLU B 15 8.57 23.83 5.73
N ILE B 16 7.77 24.85 5.40
CA ILE B 16 6.33 24.67 5.34
C ILE B 16 5.96 23.71 4.23
N ARG B 17 6.51 23.91 3.03
CA ARG B 17 6.20 23.04 1.91
C ARG B 17 6.69 21.61 2.15
N GLU B 18 7.86 21.45 2.78
CA GLU B 18 8.36 20.12 3.08
C GLU B 18 7.44 19.38 4.05
N VAL B 19 6.92 20.08 5.06
CA VAL B 19 6.06 19.41 6.03
C VAL B 19 4.75 18.97 5.39
N ASN B 20 4.14 19.84 4.57
CA ASN B 20 2.91 19.48 3.89
C ASN B 20 3.08 18.19 3.09
N LEU B 21 4.19 18.06 2.35
CA LEU B 21 4.43 16.85 1.57
C LEU B 21 4.55 15.63 2.47
N ALA B 22 5.33 15.73 3.54
CA ALA B 22 5.56 14.57 4.40
C ALA B 22 4.26 14.07 5.01
N TYR B 23 3.36 14.99 5.36
CA TYR B 23 2.04 14.60 5.87
C TYR B 23 1.25 13.83 4.81
N LEU B 24 1.18 14.37 3.60
CA LEU B 24 0.40 13.73 2.55
C LEU B 24 1.00 12.38 2.16
N LEU B 25 2.32 12.28 2.12
CA LEU B 25 2.95 10.99 1.83
C LEU B 25 2.62 9.96 2.90
N LEU B 26 2.65 10.37 4.18
CA LEU B 26 2.29 9.45 5.25
C LEU B 26 0.80 9.12 5.21
N ALA B 27 -0.04 10.12 4.94
CA ALA B 27 -1.48 9.89 4.91
C ALA B 27 -1.85 8.87 3.83
N GLN B 28 -1.28 9.03 2.64
CA GLN B 28 -1.57 8.05 1.58
C GLN B 28 -0.98 6.68 1.93
N ARG B 29 0.22 6.65 2.51
CA ARG B 29 0.81 5.36 2.89
C ARG B 29 -0.03 4.68 3.97
N LEU B 30 -0.63 5.47 4.86
CA LEU B 30 -1.48 4.90 5.91
C LEU B 30 -2.79 4.40 5.35
N VAL B 31 -3.45 5.19 4.51
CA VAL B 31 -4.74 4.81 3.96
C VAL B 31 -4.60 3.61 3.01
N ARG B 32 -3.55 3.61 2.21
CA ARG B 32 -3.35 2.52 1.25
C ARG B 32 -3.19 1.17 1.95
N GLU B 33 -2.39 1.13 3.02
CA GLU B 33 -2.19 -0.14 3.73
C GLU B 33 -3.47 -0.61 4.39
N ASN B 34 -4.19 0.29 5.06
CA ASN B 34 -5.44 -0.09 5.73
C ASN B 34 -6.27 1.18 5.94
N GLN B 35 -7.46 1.19 5.36
CA GLN B 35 -8.34 2.36 5.43
C GLN B 35 -8.74 2.66 6.86
N VAL B 36 -9.26 1.67 7.57
CA VAL B 36 -9.81 1.92 8.90
C VAL B 36 -8.71 2.30 9.88
N GLU B 37 -7.58 1.57 9.85
CA GLU B 37 -6.46 1.92 10.72
C GLU B 37 -5.97 3.34 10.44
N ALA B 38 -6.00 3.75 9.18
CA ALA B 38 -5.56 5.11 8.83
C ALA B 38 -6.47 6.17 9.43
N MET B 39 -7.79 5.97 9.29
CA MET B 39 -8.76 6.90 9.87
C MET B 39 -8.50 7.11 11.35
N PHE B 40 -8.12 6.05 12.07
CA PHE B 40 -7.86 6.16 13.50
C PHE B 40 -6.70 7.10 13.78
N ARG B 41 -5.59 6.92 13.05
CA ARG B 41 -4.39 7.72 13.31
C ARG B 41 -4.61 9.18 12.93
N LEU B 42 -5.19 9.42 11.75
CA LEU B 42 -5.39 10.78 11.27
C LEU B 42 -6.65 11.43 11.83
N GLY B 43 -7.46 10.70 12.58
CA GLY B 43 -8.71 11.23 13.09
C GLY B 43 -9.55 11.83 11.99
N VAL B 44 -9.78 11.06 10.93
CA VAL B 44 -10.38 11.58 9.70
C VAL B 44 -11.41 10.59 9.19
N SER B 45 -12.44 11.13 8.53
CA SER B 45 -13.58 10.34 8.09
C SER B 45 -13.21 9.40 6.95
N LYS B 46 -14.06 8.38 6.76
CA LYS B 46 -13.89 7.46 5.66
C LYS B 46 -13.95 8.16 4.31
N GLU B 47 -14.77 9.22 4.20
CA GLU B 47 -14.86 9.96 2.95
C GLU B 47 -13.52 10.62 2.60
N ILE B 48 -12.88 11.27 3.56
CA ILE B 48 -11.61 11.96 3.27
C ILE B 48 -10.52 10.96 2.92
N ALA B 49 -10.42 9.86 3.67
CA ALA B 49 -9.40 8.85 3.39
C ALA B 49 -9.47 8.38 1.95
N ASP B 50 -10.68 8.17 1.42
CA ASP B 50 -10.83 7.83 0.01
C ASP B 50 -10.22 8.91 -0.88
N ILE B 51 -10.36 10.17 -0.50
CA ILE B 51 -9.79 11.26 -1.28
C ILE B 51 -8.26 11.24 -1.21
N LEU B 52 -7.70 11.01 -0.01
CA LEU B 52 -6.26 11.05 0.14
C LEU B 52 -5.57 9.92 -0.61
N ALA B 53 -6.13 8.71 -0.53
CA ALA B 53 -5.57 7.57 -1.26
C ALA B 53 -5.67 7.76 -2.76
N LYS B 54 -6.72 8.44 -3.23
CA LYS B 54 -6.97 8.60 -4.66
C LYS B 54 -6.19 9.74 -5.29
N LEU B 55 -5.40 10.47 -4.50
CA LEU B 55 -4.59 11.53 -5.07
C LEU B 55 -3.43 10.94 -5.86
N THR B 56 -3.24 11.44 -7.08
CA THR B 56 -2.17 10.97 -7.94
C THR B 56 -0.91 11.77 -7.65
N SER B 57 0.19 11.35 -8.28
CA SER B 57 1.49 11.98 -8.04
C SER B 57 1.43 13.47 -8.38
N ALA B 58 0.85 13.81 -9.53
CA ALA B 58 0.75 15.22 -9.92
C ALA B 58 -0.14 16.01 -8.96
N GLN B 59 -1.22 15.38 -8.47
CA GLN B 59 -2.08 16.05 -7.50
C GLN B 59 -1.33 16.39 -6.22
N LEU B 60 -0.42 15.50 -5.80
CA LEU B 60 0.34 15.74 -4.58
C LEU B 60 1.23 16.96 -4.72
N VAL B 61 1.91 17.10 -5.86
CA VAL B 61 2.85 18.21 -6.04
C VAL B 61 2.13 19.54 -5.87
N LYS B 62 0.94 19.67 -6.49
CA LYS B 62 0.19 20.91 -6.40
C LYS B 62 -0.20 21.21 -4.95
N LEU B 63 -0.81 20.23 -4.27
CA LEU B 63 -1.24 20.45 -2.89
C LEU B 63 -0.07 20.61 -1.93
N ALA B 64 1.05 19.95 -2.18
CA ALA B 64 2.15 19.97 -1.23
C ALA B 64 2.76 21.36 -1.09
N ALA B 65 3.11 21.99 -2.21
CA ALA B 65 3.82 23.27 -2.20
C ALA B 65 2.85 24.44 -2.25
N SER B 66 1.84 24.42 -1.38
CA SER B 66 0.86 25.50 -1.35
C SER B 66 1.34 26.75 -0.64
N ASN B 67 2.51 26.71 0.01
CA ASN B 67 3.05 27.83 0.79
C ASN B 67 2.15 28.20 1.97
N MET B 68 1.22 27.32 2.32
CA MET B 68 0.33 27.51 3.46
C MET B 68 0.38 26.28 4.34
N VAL B 69 0.12 26.47 5.63
CA VAL B 69 0.17 25.38 6.60
C VAL B 69 -1.10 24.55 6.44
N LEU B 70 -1.00 23.46 5.67
CA LEU B 70 -2.18 22.65 5.36
C LEU B 70 -2.78 22.01 6.61
N CYS B 71 -1.95 21.65 7.57
CA CYS B 71 -2.42 20.97 8.77
C CYS B 71 -2.73 21.94 9.89
N ARG B 72 -3.63 21.51 10.78
CA ARG B 72 -3.97 22.23 11.99
C ARG B 72 -3.70 21.30 13.17
N PHE B 73 -3.34 21.90 14.30
CA PHE B 73 -2.98 21.10 15.47
C PHE B 73 -4.20 20.33 15.96
N ARG B 74 -3.94 19.13 16.49
CA ARG B 74 -5.00 18.28 17.01
C ARG B 74 -5.23 18.46 18.51
N PHE B 75 -4.52 19.39 19.15
CA PHE B 75 -4.73 19.71 20.56
C PHE B 75 -5.14 21.17 20.67
N ASP B 76 -6.29 21.43 21.29
CA ASP B 76 -6.80 22.78 21.46
C ASP B 76 -7.06 23.19 22.91
N ASP B 77 -6.80 22.31 23.86
CA ASP B 77 -7.01 22.58 25.28
C ASP B 77 -5.63 22.70 25.91
N HIS B 78 -5.21 23.94 26.22
CA HIS B 78 -3.88 24.16 26.76
C HIS B 78 -3.71 23.47 28.11
N ALA B 79 -4.78 23.42 28.92
CA ALA B 79 -4.69 22.75 30.21
C ALA B 79 -4.29 21.29 30.05
N LEU B 80 -4.86 20.62 29.04
CA LEU B 80 -4.52 19.22 28.78
C LEU B 80 -3.08 19.07 28.30
N LEU B 81 -2.65 19.93 27.39
CA LEU B 81 -1.33 19.79 26.79
C LEU B 81 -0.23 19.91 27.84
N SER B 82 -0.37 20.87 28.75
CA SER B 82 0.64 21.07 29.78
C SER B 82 0.78 19.83 30.65
N THR B 83 -0.33 19.27 31.11
CA THR B 83 -0.27 18.06 31.91
C THR B 83 0.19 16.87 31.09
N LEU B 84 -0.14 16.83 29.78
CA LEU B 84 0.30 15.72 28.95
C LEU B 84 1.81 15.73 28.75
N THR B 85 2.40 16.89 28.49
CA THR B 85 3.84 17.02 28.29
C THR B 85 4.41 17.72 29.53
N HIS B 86 4.58 16.94 30.59
CA HIS B 86 5.14 17.43 31.84
C HIS B 86 6.24 16.46 32.27
N THR B 87 7.34 17.03 32.76
CA THR B 87 8.52 16.23 33.09
C THR B 87 8.23 15.09 34.06
N SER B 90 3.85 12.71 37.84
CA SER B 90 4.84 12.12 36.96
C SER B 90 4.71 10.60 36.92
N HIS B 91 4.33 10.07 35.75
CA HIS B 91 4.17 8.63 35.55
C HIS B 91 4.70 8.13 34.21
N ASP B 92 5.01 9.00 33.25
CA ASP B 92 5.55 8.68 31.92
C ASP B 92 4.53 8.00 31.01
N MET B 93 3.35 7.65 31.51
CA MET B 93 2.28 7.15 30.66
C MET B 93 1.67 8.24 29.79
N GLN B 94 2.30 9.43 29.77
CA GLN B 94 1.81 10.55 28.98
C GLN B 94 1.60 10.18 27.52
N GLN B 95 2.42 9.25 26.99
CA GLN B 95 2.24 8.80 25.61
C GLN B 95 0.96 7.99 25.47
N ILE B 96 0.75 7.03 26.38
CA ILE B 96 -0.51 6.27 26.39
C ILE B 96 -1.68 7.18 26.67
N HIS B 97 -1.50 8.12 27.60
CA HIS B 97 -2.58 9.02 28.01
C HIS B 97 -3.12 9.81 26.83
N ALA B 98 -2.21 10.35 26.00
CA ALA B 98 -2.63 11.14 24.84
C ALA B 98 -3.42 10.30 23.84
N ALA B 99 -3.11 9.01 23.75
CA ALA B 99 -3.80 8.15 22.79
C ALA B 99 -5.27 7.99 23.15
N ILE B 100 -5.58 7.84 24.44
CA ILE B 100 -6.98 7.65 24.85
C ILE B 100 -7.82 8.87 24.50
N LEU B 101 -7.29 10.07 24.73
CA LEU B 101 -8.05 11.28 24.43
C LEU B 101 -8.21 11.50 22.93
N LEU B 102 -7.12 11.35 22.17
CA LEU B 102 -7.20 11.61 20.74
C LEU B 102 -8.10 10.61 20.04
N ALA B 103 -8.22 9.40 20.61
CA ALA B 103 -9.07 8.38 20.00
C ALA B 103 -10.53 8.81 20.01
N ARG B 104 -11.01 9.36 21.13
CA ARG B 104 -12.40 9.78 21.22
C ARG B 104 -12.68 11.05 20.43
N GLN B 105 -11.65 11.78 20.03
CA GLN B 105 -11.85 12.99 19.26
C GLN B 105 -12.54 12.68 17.94
N PRO B 106 -13.52 13.47 17.53
CA PRO B 106 -14.30 13.13 16.33
C PRO B 106 -13.51 13.35 15.06
N VAL B 107 -13.96 12.70 13.99
CA VAL B 107 -13.33 12.77 12.68
C VAL B 107 -13.73 14.08 11.99
N GLU B 108 -13.32 14.24 10.73
CA GLU B 108 -13.60 15.44 9.96
C GLU B 108 -14.28 15.06 8.65
N SER B 109 -15.52 15.51 8.46
CA SER B 109 -16.27 15.21 7.25
C SER B 109 -16.75 16.48 6.56
N LYS C 22 -21.63 -26.22 5.70
CA LYS C 22 -20.98 -27.30 4.96
C LYS C 22 -20.35 -26.77 3.68
N SER C 23 -20.35 -25.45 3.52
CA SER C 23 -19.75 -24.82 2.35
C SER C 23 -18.23 -24.87 2.43
N VAL C 24 -17.59 -25.26 1.34
CA VAL C 24 -16.13 -25.37 1.33
C VAL C 24 -15.49 -24.00 1.52
N LEU C 25 -16.03 -22.98 0.85
CA LEU C 25 -15.57 -21.61 1.07
C LEU C 25 -15.74 -21.21 2.52
N GLN C 26 -16.93 -21.49 3.08
CA GLN C 26 -17.19 -21.17 4.48
C GLN C 26 -16.13 -21.80 5.39
N ASP C 27 -15.70 -23.02 5.07
CA ASP C 27 -14.67 -23.67 5.86
C ASP C 27 -13.32 -22.98 5.66
N ALA C 28 -13.03 -22.55 4.43
CA ALA C 28 -11.76 -21.88 4.16
C ALA C 28 -11.64 -20.59 4.96
N ASN C 29 -12.72 -19.81 5.03
CA ASN C 29 -12.68 -18.56 5.79
C ASN C 29 -12.51 -18.81 7.27
N GLN C 30 -13.19 -19.82 7.81
CA GLN C 30 -13.12 -20.09 9.24
C GLN C 30 -11.72 -20.52 9.65
N THR C 31 -11.13 -21.45 8.90
CA THR C 31 -9.73 -21.82 9.14
C THR C 31 -8.83 -20.61 8.98
N GLN C 32 -9.12 -19.75 8.01
CA GLN C 32 -8.32 -18.54 7.83
C GLN C 32 -8.42 -17.64 9.04
N LEU C 33 -9.62 -17.44 9.57
CA LEU C 33 -9.79 -16.64 10.78
C LEU C 33 -9.10 -17.30 11.97
N ALA C 34 -9.18 -18.63 12.06
CA ALA C 34 -8.61 -19.34 13.20
C ALA C 34 -7.10 -19.13 13.30
N ILE C 35 -6.39 -19.15 12.18
CA ILE C 35 -4.94 -18.93 12.22
C ILE C 35 -4.62 -17.53 12.72
N GLU C 36 -5.42 -16.53 12.29
CA GLU C 36 -5.22 -15.16 12.72
C GLU C 36 -5.24 -15.03 14.24
N LEU C 37 -6.25 -15.64 14.87
CA LEU C 37 -6.38 -15.54 16.32
C LEU C 37 -5.23 -16.25 17.02
N ILE C 38 -4.78 -17.40 16.47
CA ILE C 38 -3.66 -18.12 17.05
C ILE C 38 -2.41 -17.25 17.02
N GLY C 39 -2.21 -16.51 15.92
CA GLY C 39 -1.06 -15.62 15.84
C GLY C 39 -1.08 -14.53 16.90
N LEU C 40 -2.27 -14.04 17.26
CA LEU C 40 -2.39 -13.01 18.28
C LEU C 40 -2.40 -13.56 19.69
N GLY C 41 -2.31 -14.88 19.86
CA GLY C 41 -2.27 -15.46 21.19
C GLY C 41 -3.62 -15.81 21.78
N ALA C 42 -4.67 -15.89 20.96
CA ALA C 42 -5.99 -16.25 21.46
C ALA C 42 -5.95 -17.63 22.11
N ARG C 43 -6.70 -17.78 23.19
CA ARG C 43 -6.83 -19.05 23.88
C ARG C 43 -7.78 -19.95 23.12
N LEU C 44 -7.84 -21.21 23.54
CA LEU C 44 -8.68 -22.20 22.87
C LEU C 44 -10.13 -21.75 22.82
N GLN C 45 -10.64 -21.28 23.95
CA GLN C 45 -12.06 -20.94 24.06
C GLN C 45 -12.45 -19.85 23.07
N VAL C 46 -11.61 -18.82 22.93
CA VAL C 46 -11.90 -17.74 21.98
C VAL C 46 -12.04 -18.30 20.57
N LEU C 47 -11.22 -19.30 20.23
CA LEU C 47 -11.31 -19.90 18.91
C LEU C 47 -12.65 -20.61 18.71
N GLU C 48 -13.05 -21.42 19.69
CA GLU C 48 -14.32 -22.14 19.59
C GLU C 48 -15.48 -21.18 19.43
N ALA C 49 -15.40 -20.01 20.06
CA ALA C 49 -16.51 -19.07 20.03
C ALA C 49 -16.65 -18.41 18.66
N GLU C 50 -15.53 -17.98 18.07
CA GLU C 50 -15.59 -17.14 16.88
C GLU C 50 -15.38 -17.91 15.58
N THR C 51 -15.18 -19.22 15.65
CA THR C 51 -15.06 -20.04 14.46
C THR C 51 -15.98 -21.24 14.57
N THR C 52 -16.33 -21.82 13.43
CA THR C 52 -17.20 -22.99 13.37
C THR C 52 -16.40 -24.29 13.35
N LEU C 53 -15.09 -24.21 13.52
CA LEU C 53 -14.22 -25.38 13.46
C LEU C 53 -14.40 -26.25 14.70
N SER C 54 -14.16 -27.55 14.52
CA SER C 54 -14.26 -28.47 15.63
C SER C 54 -13.22 -28.17 16.69
N ARG C 55 -13.52 -28.52 17.93
CA ARG C 55 -12.58 -28.32 19.03
C ARG C 55 -11.29 -29.09 18.77
N ASP C 56 -11.40 -30.32 18.26
CA ASP C 56 -10.22 -31.14 18.02
C ASP C 56 -9.37 -30.59 16.89
N ARG C 57 -10.00 -30.08 15.83
CA ARG C 57 -9.23 -29.57 14.69
C ARG C 57 -8.36 -28.38 15.10
N LEU C 58 -8.87 -27.53 15.99
CA LEU C 58 -8.11 -26.39 16.46
C LEU C 58 -6.83 -26.83 17.17
N ILE C 59 -6.90 -27.91 17.95
CA ILE C 59 -5.72 -28.37 18.69
C ILE C 59 -4.61 -28.77 17.72
N ARG C 60 -4.96 -29.50 16.66
CA ARG C 60 -3.97 -29.82 15.64
C ARG C 60 -3.44 -28.56 14.97
N LEU C 61 -4.33 -27.59 14.74
CA LEU C 61 -3.91 -26.32 14.16
C LEU C 61 -2.98 -25.56 15.10
N TYR C 62 -3.36 -25.43 16.37
CA TYR C 62 -2.51 -24.76 17.34
C TYR C 62 -1.19 -25.50 17.51
N LYS C 63 -1.23 -26.83 17.51
CA LYS C 63 0.01 -27.62 17.59
C LYS C 63 0.85 -27.45 16.33
N GLU C 64 0.21 -27.18 15.19
CA GLU C 64 0.97 -26.94 13.96
C GLU C 64 1.57 -25.54 13.96
N LEU C 65 0.79 -24.52 14.36
CA LEU C 65 1.28 -23.15 14.45
C LEU C 65 2.38 -23.01 15.49
N ARG C 66 2.00 -23.05 16.75
CA ARG C 66 2.93 -22.96 17.86
C ARG C 66 3.41 -24.35 18.25
N GLY C 67 4.57 -24.41 18.90
CA GLY C 67 5.22 -25.70 19.12
C GLY C 67 4.39 -26.67 19.93
N VAL C 68 3.77 -26.20 21.01
CA VAL C 68 3.07 -27.07 21.95
C VAL C 68 1.56 -26.84 21.83
N SER C 69 0.79 -27.66 22.53
CA SER C 69 -0.66 -27.62 22.51
C SER C 69 -1.20 -26.47 23.36
N PRO C 70 -2.49 -26.16 23.24
CA PRO C 70 -3.06 -24.99 23.96
C PRO C 70 -2.89 -25.09 25.46
N PRO C 71 -2.91 -23.96 26.16
CA PRO C 71 -2.63 -23.96 27.61
C PRO C 71 -3.65 -24.68 28.46
N LYS C 72 -4.80 -25.08 27.90
CA LYS C 72 -5.85 -25.79 28.63
C LYS C 72 -6.44 -24.98 29.78
N GLY C 73 -5.97 -23.75 29.98
CA GLY C 73 -6.55 -22.90 31.00
C GLY C 73 -7.90 -22.35 30.58
N MET C 74 -8.80 -22.22 31.57
CA MET C 74 -10.15 -21.77 31.30
C MET C 74 -10.21 -20.25 31.20
N LEU C 75 -11.26 -19.77 30.54
CA LEU C 75 -11.44 -18.34 30.30
C LEU C 75 -11.49 -17.56 31.62
N PRO C 76 -10.87 -16.36 31.70
CA PRO C 76 -10.78 -15.66 32.98
C PRO C 76 -12.13 -15.18 33.51
N PHE C 77 -12.83 -14.37 32.72
CA PHE C 77 -14.10 -13.75 33.10
C PHE C 77 -14.11 -13.27 34.54
N SER C 78 -13.30 -12.26 34.81
CA SER C 78 -13.32 -11.56 36.09
C SER C 78 -13.06 -10.08 35.86
N THR C 79 -13.82 -9.24 36.56
CA THR C 79 -13.70 -7.80 36.37
C THR C 79 -12.66 -7.16 37.28
N ASP C 80 -12.20 -7.86 38.31
CA ASP C 80 -11.18 -7.31 39.19
C ASP C 80 -9.90 -6.97 38.44
N TRP C 81 -9.52 -7.81 37.45
CA TRP C 81 -8.30 -7.55 36.69
C TRP C 81 -8.39 -6.21 35.98
N PHE C 82 -9.53 -5.93 35.34
CA PHE C 82 -9.68 -4.76 34.48
C PHE C 82 -9.84 -3.46 35.24
N THR C 83 -9.90 -3.51 36.57
CA THR C 83 -9.91 -2.30 37.38
C THR C 83 -8.60 -2.02 38.08
N THR C 84 -7.62 -2.90 37.97
CA THR C 84 -6.29 -2.56 38.47
C THR C 84 -5.71 -1.45 37.60
N TRP C 85 -4.93 -0.57 38.22
CA TRP C 85 -4.58 0.70 37.59
C TRP C 85 -3.85 0.47 36.26
N LEU C 86 -2.79 -0.35 36.26
CA LEU C 86 -2.05 -0.58 35.02
C LEU C 86 -2.89 -1.31 33.98
N PRO C 87 -3.59 -2.41 34.30
CA PRO C 87 -4.47 -3.00 33.29
C PRO C 87 -5.59 -2.06 32.85
N ASN C 88 -6.16 -1.30 33.80
CA ASN C 88 -7.21 -0.33 33.44
C ASN C 88 -6.72 0.63 32.37
N ILE C 89 -5.47 1.07 32.46
CA ILE C 89 -4.91 1.95 31.43
C ILE C 89 -4.94 1.25 30.08
N HIS C 90 -4.36 0.05 30.02
CA HIS C 90 -4.29 -0.65 28.74
C HIS C 90 -5.67 -0.96 28.18
N SER C 91 -6.59 -1.38 29.04
CA SER C 91 -7.94 -1.70 28.59
C SER C 91 -8.70 -0.45 28.16
N SER C 92 -8.64 0.61 28.96
CA SER C 92 -9.29 1.86 28.57
C SER C 92 -8.70 2.40 27.28
N LEU C 93 -7.40 2.16 27.05
CA LEU C 93 -6.79 2.53 25.77
C LEU C 93 -7.26 1.61 24.65
N PHE C 94 -7.18 0.30 24.87
CA PHE C 94 -7.61 -0.66 23.85
C PHE C 94 -9.05 -0.43 23.43
N PHE C 95 -9.94 -0.20 24.41
CA PHE C 95 -11.35 -0.03 24.09
C PHE C 95 -11.59 1.19 23.22
N SER C 96 -10.86 2.28 23.49
CA SER C 96 -11.01 3.49 22.69
C SER C 96 -10.77 3.23 21.21
N ALA C 97 -9.85 2.31 20.90
CA ALA C 97 -9.68 1.89 19.51
C ALA C 97 -10.86 1.03 19.05
N TYR C 98 -11.25 0.05 19.86
CA TYR C 98 -12.39 -0.79 19.54
C TYR C 98 -13.65 0.06 19.35
N GLN C 99 -13.89 1.00 20.27
CA GLN C 99 -15.04 1.89 20.14
C GLN C 99 -15.04 2.62 18.81
N PHE C 100 -13.88 3.09 18.38
CA PHE C 100 -13.78 3.79 17.10
C PHE C 100 -14.06 2.85 15.93
N MET C 101 -13.61 1.60 16.04
CA MET C 101 -13.82 0.64 14.97
C MET C 101 -15.29 0.40 14.70
N VAL C 102 -16.09 0.29 15.76
CA VAL C 102 -17.52 0.04 15.58
C VAL C 102 -18.26 1.32 15.23
N GLN C 103 -17.95 2.42 15.96
CA GLN C 103 -18.75 3.63 15.80
C GLN C 103 -18.53 4.28 14.45
N GLU C 104 -17.27 4.55 14.08
CA GLU C 104 -16.96 5.27 12.86
C GLU C 104 -16.22 4.43 11.83
N GLY C 105 -15.65 3.30 12.23
CA GLY C 105 -14.99 2.43 11.28
C GLY C 105 -15.91 1.55 10.47
N GLU C 106 -17.18 1.45 10.88
CA GLU C 106 -18.19 0.65 10.19
C GLU C 106 -17.77 -0.81 10.06
N THR C 107 -17.02 -1.30 11.06
CA THR C 107 -16.60 -2.69 11.13
C THR C 107 -16.94 -3.22 12.51
N VAL C 108 -17.70 -4.32 12.57
CA VAL C 108 -18.16 -4.87 13.83
C VAL C 108 -17.72 -6.33 13.94
N GLY C 109 -17.88 -6.89 15.12
CA GLY C 109 -17.62 -8.29 15.35
C GLY C 109 -16.19 -8.56 15.79
N ILE C 110 -15.79 -9.82 15.58
CA ILE C 110 -14.44 -10.22 15.94
C ILE C 110 -13.42 -9.48 15.09
N ARG C 111 -13.78 -9.14 13.85
CA ARG C 111 -12.88 -8.35 13.01
C ARG C 111 -12.56 -7.01 13.68
N ALA C 112 -13.58 -6.35 14.23
CA ALA C 112 -13.35 -5.10 14.96
C ALA C 112 -12.46 -5.32 16.17
N VAL C 113 -12.68 -6.44 16.89
CA VAL C 113 -11.87 -6.73 18.07
C VAL C 113 -10.41 -6.91 17.68
N VAL C 114 -10.16 -7.60 16.57
CA VAL C 114 -8.79 -7.86 16.14
C VAL C 114 -8.11 -6.57 15.73
N ALA C 115 -8.77 -5.77 14.87
CA ALA C 115 -8.17 -4.54 14.38
C ALA C 115 -7.80 -3.60 15.51
N ALA C 116 -8.63 -3.56 16.56
CA ALA C 116 -8.29 -2.74 17.71
C ALA C 116 -7.05 -3.28 18.42
N TYR C 117 -6.98 -4.60 18.59
CA TYR C 117 -5.82 -5.19 19.26
C TYR C 117 -4.55 -4.94 18.47
N ARG C 118 -4.64 -4.99 17.14
CA ARG C 118 -3.47 -4.69 16.32
C ARG C 118 -2.93 -3.29 16.63
N LEU C 119 -3.82 -2.31 16.76
CA LEU C 119 -3.38 -0.96 17.13
C LEU C 119 -2.86 -0.93 18.56
N TYR C 120 -3.53 -1.63 19.48
CA TYR C 120 -3.05 -1.71 20.85
C TYR C 120 -1.63 -2.25 20.90
N LEU C 121 -1.39 -3.36 20.20
CA LEU C 121 -0.03 -3.90 20.10
C LEU C 121 0.90 -2.88 19.47
N GLU C 122 0.44 -2.20 18.43
CA GLU C 122 1.22 -1.14 17.78
C GLU C 122 1.66 -0.10 18.79
N HIS C 123 0.74 0.38 19.61
CA HIS C 123 1.07 1.40 20.60
C HIS C 123 1.99 0.86 21.69
N VAL C 124 1.95 -0.45 21.96
CA VAL C 124 2.75 -1.02 23.02
C VAL C 124 4.24 -0.91 22.69
N SER C 125 4.59 -1.07 21.42
CA SER C 125 6.00 -1.10 21.03
C SER C 125 6.74 0.16 21.47
N LEU C 126 6.08 1.31 21.40
CA LEU C 126 6.73 2.57 21.76
C LEU C 126 7.09 2.61 23.23
N LEU C 127 6.11 2.36 24.10
CA LEU C 127 6.39 2.37 25.54
C LEU C 127 7.45 1.35 25.91
N GLY C 128 7.52 0.24 25.16
CA GLY C 128 8.50 -0.80 25.40
C GLY C 128 8.13 -1.77 26.50
N GLY C 129 7.04 -1.53 27.22
CA GLY C 129 6.61 -2.45 28.25
C GLY C 129 6.01 -3.71 27.66
N GLU C 130 5.81 -4.70 28.52
CA GLU C 130 5.23 -5.96 28.08
C GLU C 130 3.74 -5.80 27.78
N ILE C 131 3.25 -6.61 26.85
CA ILE C 131 1.83 -6.60 26.51
C ILE C 131 1.05 -7.08 27.72
N VAL C 132 0.36 -6.15 28.38
CA VAL C 132 -0.34 -6.46 29.62
C VAL C 132 -1.72 -7.04 29.34
N LEU C 133 -2.31 -6.70 28.21
CA LEU C 133 -3.63 -7.19 27.85
C LEU C 133 -3.49 -8.31 26.82
N SER C 134 -3.69 -9.54 27.27
CA SER C 134 -3.74 -10.67 26.36
C SER C 134 -4.96 -10.55 25.47
N PHE C 135 -4.86 -11.10 24.26
CA PHE C 135 -5.99 -11.02 23.34
C PHE C 135 -7.25 -11.61 23.95
N THR C 136 -7.12 -12.65 24.76
CA THR C 136 -8.28 -13.22 25.43
C THR C 136 -8.90 -12.23 26.42
N ARG C 137 -8.05 -11.57 27.21
CA ARG C 137 -8.56 -10.53 28.11
C ARG C 137 -9.15 -9.38 27.32
N ALA C 138 -8.55 -9.03 26.19
CA ALA C 138 -9.13 -8.02 25.32
C ALA C 138 -10.50 -8.48 24.81
N TRP C 139 -10.59 -9.72 24.33
CA TRP C 139 -11.86 -10.27 23.90
C TRP C 139 -12.82 -10.43 25.07
N THR C 140 -12.30 -10.74 26.26
CA THR C 140 -13.14 -10.79 27.45
C THR C 140 -13.73 -9.42 27.76
N LEU C 141 -12.92 -8.36 27.64
CA LEU C 141 -13.40 -7.01 27.89
C LEU C 141 -14.57 -6.66 26.98
N VAL C 142 -14.49 -7.05 25.70
CA VAL C 142 -15.55 -6.70 24.77
C VAL C 142 -16.84 -7.42 25.14
N ARG C 143 -16.75 -8.70 25.53
CA ARG C 143 -17.95 -9.40 25.96
C ARG C 143 -18.49 -8.82 27.26
N PHE C 144 -17.60 -8.29 28.12
CA PHE C 144 -18.06 -7.61 29.33
C PHE C 144 -18.89 -6.37 28.99
N PHE C 145 -18.40 -5.54 28.06
CA PHE C 145 -19.18 -4.36 27.67
C PHE C 145 -20.42 -4.76 26.90
N GLU C 146 -20.30 -5.74 26.00
CA GLU C 146 -21.46 -6.22 25.25
C GLU C 146 -22.53 -6.75 26.18
N SER C 147 -22.14 -7.27 27.35
CA SER C 147 -23.07 -7.82 28.32
C SER C 147 -23.42 -6.83 29.41
N ASN C 148 -23.02 -5.57 29.26
CA ASN C 148 -23.40 -4.49 30.17
C ASN C 148 -23.00 -4.80 31.60
N MET C 149 -21.81 -5.37 31.76
CA MET C 149 -21.23 -5.59 33.07
C MET C 149 -20.11 -4.63 33.40
N LEU C 150 -19.65 -3.85 32.42
CA LEU C 150 -18.60 -2.85 32.59
C LEU C 150 -19.00 -1.61 31.83
N GLN C 151 -18.53 -0.45 32.30
CA GLN C 151 -19.07 0.83 31.87
C GLN C 151 -17.93 1.80 31.62
N LEU C 152 -18.25 2.87 30.91
CA LEU C 152 -17.29 3.89 30.52
C LEU C 152 -17.59 5.19 31.25
N SER C 153 -16.65 5.66 32.05
CA SER C 153 -16.81 6.89 32.81
C SER C 153 -15.90 7.96 32.22
N ARG C 154 -16.45 9.16 32.02
CA ARG C 154 -15.67 10.28 31.51
C ARG C 154 -14.94 10.95 32.66
N CYS C 155 -13.67 11.27 32.45
CA CYS C 155 -12.85 11.83 33.50
C CYS C 155 -13.20 13.30 33.72
N THR C 156 -13.39 13.68 34.98
CA THR C 156 -13.76 15.07 35.30
C THR C 156 -12.66 16.04 34.93
N CYS C 157 -11.39 15.63 35.04
CA CYS C 157 -10.26 16.53 34.79
C CYS C 157 -9.89 16.58 33.31
N CYS C 158 -9.49 15.45 32.73
CA CYS C 158 -8.99 15.44 31.37
C CYS C 158 -10.09 15.29 30.32
N GLY C 159 -11.12 14.51 30.62
CA GLY C 159 -12.21 14.30 29.69
C GLY C 159 -12.14 13.00 28.93
N GLY C 160 -11.10 12.19 29.14
CA GLY C 160 -11.02 10.90 28.48
C GLY C 160 -11.83 9.84 29.21
N GLN C 161 -12.39 8.93 28.43
CA GLN C 161 -13.32 7.92 28.94
C GLN C 161 -12.57 6.62 29.21
N PHE C 162 -12.65 6.16 30.46
CA PHE C 162 -11.99 4.94 30.91
C PHE C 162 -13.05 3.94 31.37
N VAL C 163 -12.62 2.69 31.60
CA VAL C 163 -13.53 1.63 32.02
C VAL C 163 -13.62 1.63 33.54
N THR C 164 -14.83 1.36 34.05
CA THR C 164 -15.09 1.25 35.48
C THR C 164 -16.13 0.17 35.72
N HIS C 165 -16.33 -0.16 37.01
CA HIS C 165 -17.32 -1.15 37.39
C HIS C 165 -18.72 -0.71 36.97
N ALA C 166 -19.60 -1.70 36.81
CA ALA C 166 -20.99 -1.43 36.44
C ALA C 166 -21.68 -0.61 37.52
N TYR C 167 -22.42 0.42 37.10
CA TYR C 167 -23.26 1.26 37.95
C TYR C 167 -22.44 2.05 38.97
N GLU C 168 -21.16 2.26 38.72
CA GLU C 168 -20.42 3.21 39.54
C GLU C 168 -20.79 4.63 39.10
N PRO C 169 -20.90 5.57 40.03
CA PRO C 169 -21.41 6.89 39.66
C PRO C 169 -20.33 7.77 39.04
N HIS C 170 -20.78 8.61 38.10
CA HIS C 170 -19.93 9.57 37.44
C HIS C 170 -19.99 10.89 38.22
N ALA C 171 -19.55 11.98 37.58
CA ALA C 171 -19.61 13.33 38.14
C ALA C 171 -18.66 13.51 39.32
N ASN C 172 -18.08 12.41 39.80
CA ASN C 172 -17.00 12.45 40.77
C ASN C 172 -15.79 11.63 40.31
N PHE C 173 -15.76 11.23 39.04
CA PHE C 173 -14.73 10.35 38.54
C PHE C 173 -13.45 11.10 38.17
N VAL C 174 -12.31 10.50 38.49
CA VAL C 174 -11.00 10.98 38.05
C VAL C 174 -10.19 9.78 37.56
N CYS C 175 -9.63 9.90 36.36
CA CYS C 175 -8.94 8.78 35.72
C CYS C 175 -7.64 8.42 36.43
N SER C 176 -7.12 7.23 36.12
CA SER C 176 -5.88 6.75 36.71
C SER C 176 -4.69 7.61 36.32
N LEU C 177 -4.76 8.27 35.16
CA LEU C 177 -3.63 9.06 34.68
C LEU C 177 -3.59 10.44 35.34
N CYS C 178 -4.76 11.08 35.53
CA CYS C 178 -4.82 12.37 36.20
C CYS C 178 -4.52 12.28 37.69
N ARG C 179 -4.70 11.11 38.31
CA ARG C 179 -4.56 10.98 39.76
C ARG C 179 -4.25 9.55 40.15
N PRO C 180 -2.99 9.12 40.03
CA PRO C 180 -2.63 7.74 40.38
C PRO C 180 -2.69 7.52 41.88
N PRO C 181 -2.46 6.28 42.36
CA PRO C 181 -2.44 6.08 43.82
C PRO C 181 -1.11 6.47 44.47
N SER D 10 -7.50 -0.33 -11.54
CA SER D 10 -7.20 0.38 -12.78
C SER D 10 -6.67 1.78 -12.52
N GLU D 11 -6.74 2.19 -11.25
CA GLU D 11 -6.20 3.49 -10.85
C GLU D 11 -4.69 3.56 -11.07
N VAL D 12 -3.99 2.45 -10.90
CA VAL D 12 -2.54 2.43 -11.13
C VAL D 12 -2.22 2.79 -12.58
N LEU D 13 -3.07 2.36 -13.50
CA LEU D 13 -2.84 2.69 -14.91
C LEU D 13 -2.86 4.20 -15.13
N GLN D 14 -3.76 4.92 -14.44
CA GLN D 14 -3.86 6.37 -14.62
C GLN D 14 -2.59 7.07 -14.16
N GLU D 15 -2.02 6.67 -13.02
CA GLU D 15 -0.79 7.30 -12.57
C GLU D 15 0.34 7.04 -13.56
N ILE D 16 0.39 5.83 -14.13
CA ILE D 16 1.42 5.51 -15.10
C ILE D 16 1.23 6.33 -16.37
N ARG D 17 -0.02 6.38 -16.88
CA ARG D 17 -0.28 7.16 -18.08
C ARG D 17 0.01 8.65 -17.88
N GLU D 18 -0.30 9.17 -16.70
CA GLU D 18 -0.14 10.62 -16.46
C GLU D 18 1.32 11.00 -16.34
N VAL D 19 2.13 10.19 -15.65
CA VAL D 19 3.56 10.48 -15.55
C VAL D 19 4.22 10.40 -16.93
N ASN D 20 3.88 9.36 -17.69
CA ASN D 20 4.38 9.25 -19.06
C ASN D 20 4.06 10.50 -19.87
N LEU D 21 2.80 10.92 -19.85
CA LEU D 21 2.40 12.09 -20.61
C LEU D 21 3.12 13.35 -20.10
N ALA D 22 3.34 13.43 -18.80
CA ALA D 22 4.08 14.57 -18.26
C ALA D 22 5.51 14.59 -18.79
N TYR D 23 6.16 13.43 -18.85
CA TYR D 23 7.51 13.37 -19.38
C TYR D 23 7.55 13.75 -20.85
N LEU D 24 6.66 13.16 -21.65
CA LEU D 24 6.60 13.47 -23.07
C LEU D 24 6.27 14.94 -23.31
N LEU D 25 5.30 15.48 -22.59
CA LEU D 25 4.99 16.90 -22.69
C LEU D 25 6.19 17.76 -22.33
N LEU D 26 6.91 17.37 -21.27
CA LEU D 26 8.08 18.13 -20.86
C LEU D 26 9.21 18.02 -21.87
N ALA D 27 9.52 16.80 -22.30
CA ALA D 27 10.57 16.61 -23.30
C ALA D 27 10.24 17.34 -24.60
N GLN D 28 8.96 17.32 -25.01
CA GLN D 28 8.56 18.03 -26.22
C GLN D 28 8.72 19.53 -26.06
N ARG D 29 8.30 20.07 -24.91
CA ARG D 29 8.45 21.51 -24.67
C ARG D 29 9.93 21.91 -24.64
N LEU D 30 10.79 21.03 -24.12
CA LEU D 30 12.21 21.33 -24.06
C LEU D 30 12.84 21.32 -25.45
N VAL D 31 12.59 20.25 -26.22
CA VAL D 31 13.17 20.12 -27.56
C VAL D 31 12.70 21.25 -28.45
N ARG D 32 11.43 21.62 -28.36
CA ARG D 32 10.87 22.66 -29.22
C ARG D 32 11.52 24.01 -28.96
N GLU D 33 11.84 24.31 -27.69
CA GLU D 33 12.44 25.61 -27.39
C GLU D 33 13.87 25.70 -27.90
N ASN D 34 14.69 24.67 -27.62
CA ASN D 34 16.11 24.72 -27.96
C ASN D 34 16.58 23.27 -28.07
N GLN D 35 16.61 22.75 -29.30
CA GLN D 35 16.94 21.34 -29.52
C GLN D 35 18.35 21.03 -29.03
N VAL D 36 19.34 21.84 -29.43
CA VAL D 36 20.72 21.61 -29.03
C VAL D 36 20.84 21.57 -27.51
N GLU D 37 20.05 22.40 -26.82
CA GLU D 37 20.14 22.52 -25.37
C GLU D 37 19.34 21.43 -24.67
N ALA D 38 18.23 20.99 -25.26
CA ALA D 38 17.39 19.96 -24.64
C ALA D 38 18.07 18.60 -24.66
N MET D 39 18.73 18.26 -25.78
CA MET D 39 19.46 16.99 -25.86
C MET D 39 20.42 16.80 -24.71
N PHE D 40 21.00 17.88 -24.19
CA PHE D 40 21.90 17.77 -23.04
C PHE D 40 21.13 17.33 -21.80
N ARG D 41 20.10 18.08 -21.43
CA ARG D 41 19.39 17.80 -20.18
C ARG D 41 18.62 16.49 -20.25
N LEU D 42 18.04 16.18 -21.40
CA LEU D 42 17.24 14.96 -21.53
C LEU D 42 18.07 13.72 -21.82
N GLY D 43 19.33 13.87 -22.19
CA GLY D 43 20.14 12.73 -22.55
C GLY D 43 19.57 11.95 -23.72
N VAL D 44 19.33 12.64 -24.83
CA VAL D 44 18.63 12.05 -25.97
C VAL D 44 19.36 12.42 -27.26
N SER D 45 19.26 11.54 -28.25
CA SER D 45 19.88 11.78 -29.54
C SER D 45 19.08 12.82 -30.33
N LYS D 46 19.74 13.41 -31.33
CA LYS D 46 19.07 14.35 -32.21
C LYS D 46 17.89 13.72 -32.93
N GLU D 47 18.07 12.49 -33.42
CA GLU D 47 17.01 11.82 -34.18
C GLU D 47 15.75 11.60 -33.33
N ILE D 48 15.92 11.25 -32.06
CA ILE D 48 14.75 11.09 -31.19
C ILE D 48 14.13 12.43 -30.86
N ALA D 49 14.96 13.44 -30.57
CA ALA D 49 14.44 14.78 -30.27
C ALA D 49 13.59 15.30 -31.43
N ASP D 50 14.00 15.03 -32.66
CA ASP D 50 13.21 15.47 -33.82
C ASP D 50 11.85 14.80 -33.82
N ILE D 51 11.78 13.53 -33.48
CA ILE D 51 10.50 12.84 -33.42
C ILE D 51 9.63 13.41 -32.29
N LEU D 52 10.23 13.67 -31.13
CA LEU D 52 9.46 14.16 -29.99
C LEU D 52 8.80 15.49 -30.30
N ALA D 53 9.52 16.38 -30.98
CA ALA D 53 8.97 17.69 -31.31
C ALA D 53 7.78 17.58 -32.25
N LYS D 54 7.85 16.66 -33.21
CA LYS D 54 6.83 16.55 -34.26
C LYS D 54 5.66 15.64 -33.86
N LEU D 55 5.52 15.32 -32.58
CA LEU D 55 4.42 14.47 -32.12
C LEU D 55 3.21 15.33 -31.77
N THR D 56 2.03 14.90 -32.24
CA THR D 56 0.79 15.55 -31.85
C THR D 56 0.39 15.15 -30.45
N SER D 57 -0.60 15.85 -29.89
CA SER D 57 -1.10 15.50 -28.58
C SER D 57 -1.73 14.12 -28.59
N ALA D 58 -2.45 13.78 -29.67
CA ALA D 58 -3.05 12.46 -29.77
C ALA D 58 -1.97 11.37 -29.79
N GLN D 59 -0.88 11.60 -30.51
CA GLN D 59 0.22 10.65 -30.51
C GLN D 59 0.81 10.48 -29.11
N LEU D 60 1.04 11.62 -28.43
CA LEU D 60 1.63 11.57 -27.10
C LEU D 60 0.74 10.78 -26.13
N VAL D 61 -0.58 10.96 -26.23
CA VAL D 61 -1.49 10.22 -25.37
C VAL D 61 -1.43 8.73 -25.67
N LYS D 62 -1.63 8.35 -26.94
CA LYS D 62 -1.64 6.94 -27.31
C LYS D 62 -0.31 6.27 -27.00
N LEU D 63 0.79 7.02 -27.09
CA LEU D 63 2.08 6.51 -26.66
C LEU D 63 2.14 6.35 -25.15
N ALA D 64 1.61 7.33 -24.41
CA ALA D 64 1.72 7.32 -22.95
C ALA D 64 0.76 6.33 -22.29
N ALA D 65 -0.24 5.85 -23.01
CA ALA D 65 -1.24 4.94 -22.45
C ALA D 65 -0.67 3.53 -22.43
N SER D 66 0.21 3.28 -21.45
CA SER D 66 0.84 1.99 -21.27
C SER D 66 0.76 1.58 -19.80
N ASN D 67 1.03 0.31 -19.55
CA ASN D 67 1.11 -0.24 -18.20
C ASN D 67 2.55 -0.27 -17.69
N MET D 68 3.47 0.33 -18.44
CA MET D 68 4.86 0.42 -18.09
C MET D 68 5.28 1.88 -18.12
N VAL D 69 6.23 2.23 -17.23
CA VAL D 69 6.72 3.60 -17.17
C VAL D 69 7.63 3.85 -18.36
N LEU D 70 7.40 4.97 -19.04
CA LEU D 70 8.05 5.25 -20.32
C LEU D 70 9.45 5.84 -20.16
N CYS D 71 9.90 6.08 -18.94
CA CYS D 71 11.27 6.55 -18.72
C CYS D 71 11.86 5.83 -17.53
N ARG D 72 13.16 5.55 -17.60
CA ARG D 72 13.85 4.87 -16.50
C ARG D 72 14.53 5.91 -15.63
N PHE D 73 15.63 5.52 -15.00
CA PHE D 73 16.31 6.40 -14.07
C PHE D 73 17.75 5.94 -13.90
N ARG D 74 18.66 6.89 -13.73
CA ARG D 74 20.08 6.62 -13.55
C ARG D 74 20.35 5.75 -12.31
N SER E 9 15.64 28.53 -19.36
CA SER E 9 15.78 28.66 -17.91
C SER E 9 14.53 29.29 -17.29
N SER E 10 14.63 29.72 -16.03
CA SER E 10 13.54 30.35 -15.29
C SER E 10 12.38 29.40 -15.07
N GLU E 11 11.24 29.64 -15.73
CA GLU E 11 10.04 28.84 -15.51
C GLU E 11 10.26 27.35 -15.76
N VAL E 12 11.15 27.01 -16.69
CA VAL E 12 11.37 25.61 -17.07
C VAL E 12 11.76 24.76 -15.87
N LEU E 13 12.56 25.33 -14.96
CA LEU E 13 13.03 24.58 -13.79
C LEU E 13 11.89 24.16 -12.89
N GLN E 14 10.77 24.90 -12.90
CA GLN E 14 9.60 24.47 -12.14
C GLN E 14 9.00 23.19 -12.73
N GLU E 15 8.90 23.12 -14.06
CA GLU E 15 8.35 21.94 -14.69
C GLU E 15 9.30 20.75 -14.56
N ILE E 16 10.61 21.01 -14.63
CA ILE E 16 11.59 19.94 -14.45
C ILE E 16 11.55 19.41 -13.03
N ARG E 17 11.53 20.31 -12.04
CA ARG E 17 11.48 19.89 -10.64
C ARG E 17 10.18 19.16 -10.34
N GLU E 18 9.07 19.62 -10.92
CA GLU E 18 7.78 18.96 -10.69
C GLU E 18 7.77 17.55 -11.27
N VAL E 19 8.31 17.37 -12.49
CA VAL E 19 8.30 16.06 -13.12
C VAL E 19 9.20 15.09 -12.38
N ASN E 20 10.40 15.55 -11.99
CA ASN E 20 11.33 14.68 -11.27
C ASN E 20 10.68 14.11 -10.01
N LEU E 21 9.98 14.96 -9.25
CA LEU E 21 9.31 14.46 -8.05
C LEU E 21 8.18 13.50 -8.42
N ALA E 22 7.40 13.83 -9.44
CA ALA E 22 6.26 13.00 -9.81
C ALA E 22 6.69 11.59 -10.20
N TYR E 23 7.83 11.46 -10.89
CA TYR E 23 8.35 10.14 -11.20
C TYR E 23 8.71 9.39 -9.92
N LEU E 24 9.42 10.06 -9.01
CA LEU E 24 9.86 9.40 -7.77
C LEU E 24 8.68 8.95 -6.94
N LEU E 25 7.61 9.75 -6.89
CA LEU E 25 6.43 9.34 -6.14
C LEU E 25 5.82 8.08 -6.74
N LEU E 26 5.79 7.97 -8.06
CA LEU E 26 5.26 6.77 -8.70
C LEU E 26 6.14 5.56 -8.40
N ALA E 27 7.46 5.74 -8.42
CA ALA E 27 8.37 4.63 -8.17
C ALA E 27 8.18 4.03 -6.77
N GLN E 28 8.04 4.89 -5.75
CA GLN E 28 7.83 4.39 -4.40
C GLN E 28 6.46 3.71 -4.27
N ARG E 29 5.42 4.31 -4.85
CA ARG E 29 4.09 3.73 -4.77
C ARG E 29 4.06 2.36 -5.42
N LEU E 30 4.73 2.22 -6.56
CA LEU E 30 4.76 0.93 -7.24
C LEU E 30 5.54 -0.10 -6.43
N VAL E 31 6.73 0.29 -5.94
CA VAL E 31 7.56 -0.66 -5.22
C VAL E 31 6.92 -1.05 -3.90
N ARG E 32 6.34 -0.08 -3.18
CA ARG E 32 5.66 -0.40 -1.92
C ARG E 32 4.50 -1.36 -2.16
N GLU E 33 3.72 -1.11 -3.23
CA GLU E 33 2.59 -1.98 -3.54
C GLU E 33 3.04 -3.39 -3.89
N ASN E 34 4.05 -3.51 -4.74
CA ASN E 34 4.55 -4.83 -5.12
C ASN E 34 5.94 -4.64 -5.73
N GLN E 35 6.96 -5.24 -5.11
CA GLN E 35 8.33 -4.98 -5.55
C GLN E 35 8.54 -5.51 -6.96
N VAL E 36 8.18 -6.78 -7.20
CA VAL E 36 8.50 -7.41 -8.47
C VAL E 36 7.72 -6.73 -9.60
N GLU E 37 6.42 -6.50 -9.40
CA GLU E 37 5.63 -5.81 -10.42
C GLU E 37 6.18 -4.42 -10.70
N ALA E 38 6.66 -3.73 -9.67
CA ALA E 38 7.22 -2.40 -9.88
C ALA E 38 8.49 -2.46 -10.71
N MET E 39 9.40 -3.39 -10.38
CA MET E 39 10.62 -3.55 -11.16
C MET E 39 10.30 -3.72 -12.63
N PHE E 40 9.22 -4.44 -12.93
CA PHE E 40 8.84 -4.67 -14.33
C PHE E 40 8.47 -3.37 -15.02
N ARG E 41 7.60 -2.58 -14.39
CA ARG E 41 7.13 -1.35 -15.02
C ARG E 41 8.25 -0.32 -15.10
N LEU E 42 9.01 -0.15 -14.02
CA LEU E 42 10.08 0.84 -14.02
C LEU E 42 11.35 0.33 -14.68
N GLY E 43 11.38 -0.95 -15.06
CA GLY E 43 12.56 -1.55 -15.67
C GLY E 43 13.81 -1.31 -14.85
N VAL E 44 13.76 -1.64 -13.56
CA VAL E 44 14.81 -1.23 -12.64
C VAL E 44 15.17 -2.43 -11.76
N SER E 45 16.42 -2.45 -11.33
CA SER E 45 16.95 -3.59 -10.59
C SER E 45 16.32 -3.69 -9.20
N LYS E 46 16.41 -4.89 -8.62
CA LYS E 46 15.89 -5.14 -7.28
C LYS E 46 16.56 -4.24 -6.25
N GLU E 47 17.85 -3.95 -6.42
CA GLU E 47 18.55 -3.09 -5.47
C GLU E 47 17.98 -1.68 -5.49
N ILE E 48 17.79 -1.11 -6.68
CA ILE E 48 17.30 0.25 -6.78
C ILE E 48 15.86 0.35 -6.29
N ALA E 49 15.01 -0.59 -6.73
CA ALA E 49 13.63 -0.58 -6.28
C ALA E 49 13.54 -0.64 -4.76
N ASP E 50 14.34 -1.51 -4.15
CA ASP E 50 14.39 -1.59 -2.69
C ASP E 50 14.76 -0.25 -2.07
N ILE E 51 15.65 0.50 -2.73
CA ILE E 51 16.07 1.80 -2.22
C ILE E 51 14.90 2.78 -2.22
N LEU E 52 14.08 2.75 -3.27
CA LEU E 52 13.01 3.72 -3.42
C LEU E 52 11.95 3.57 -2.32
N ALA E 53 11.64 2.33 -1.94
CA ALA E 53 10.64 2.13 -0.89
C ALA E 53 11.07 2.75 0.43
N LYS E 54 12.37 2.77 0.72
CA LYS E 54 12.91 3.28 1.97
C LYS E 54 13.20 4.77 1.96
N LEU E 55 12.98 5.46 0.83
CA LEU E 55 13.26 6.89 0.74
C LEU E 55 12.24 7.72 1.51
N THR E 56 12.73 8.69 2.27
CA THR E 56 11.89 9.59 3.06
C THR E 56 11.44 10.79 2.22
N SER E 57 10.50 11.55 2.79
CA SER E 57 9.89 12.67 2.07
C SER E 57 10.91 13.73 1.69
N ALA E 58 11.73 14.16 2.65
CA ALA E 58 12.72 15.20 2.39
C ALA E 58 13.78 14.73 1.40
N GLN E 59 14.16 13.45 1.46
CA GLN E 59 15.13 12.91 0.52
C GLN E 59 14.62 13.01 -0.92
N LEU E 60 13.32 12.81 -1.12
CA LEU E 60 12.74 12.93 -2.45
C LEU E 60 12.82 14.37 -2.98
N VAL E 61 12.49 15.35 -2.14
CA VAL E 61 12.48 16.75 -2.56
C VAL E 61 13.85 17.20 -3.05
N LYS E 62 14.92 16.78 -2.35
CA LYS E 62 16.27 17.15 -2.74
C LYS E 62 16.57 16.72 -4.17
N LEU E 63 16.27 15.47 -4.50
CA LEU E 63 16.51 14.97 -5.85
C LEU E 63 15.59 15.64 -6.86
N ALA E 64 14.40 16.07 -6.42
CA ALA E 64 13.43 16.63 -7.35
C ALA E 64 13.95 17.91 -7.98
N ALA E 65 14.42 18.85 -7.17
CA ALA E 65 14.84 20.15 -7.68
C ALA E 65 16.34 20.19 -7.98
N SER E 66 16.82 19.14 -8.67
CA SER E 66 18.23 19.05 -9.04
C SER E 66 18.59 19.90 -10.25
N ASN E 67 17.60 20.50 -10.91
CA ASN E 67 17.75 21.24 -12.16
C ASN E 67 18.22 20.35 -13.30
N MET E 68 18.18 19.04 -13.11
CA MET E 68 18.51 18.06 -14.14
C MET E 68 17.38 17.04 -14.20
N VAL E 69 17.15 16.50 -15.39
CA VAL E 69 16.08 15.51 -15.58
C VAL E 69 16.60 14.19 -15.04
N LEU E 70 16.22 13.86 -13.80
CA LEU E 70 16.75 12.66 -13.14
C LEU E 70 16.42 11.40 -13.93
N CYS E 71 15.27 11.36 -14.58
CA CYS E 71 14.87 10.21 -15.37
C CYS E 71 15.35 10.37 -16.80
N ARG E 72 15.58 9.24 -17.47
CA ARG E 72 16.00 9.22 -18.86
C ARG E 72 15.04 8.41 -19.71
N PHE E 73 14.95 8.76 -20.99
CA PHE E 73 14.03 8.10 -21.90
C PHE E 73 14.42 6.64 -22.08
N ARG E 74 13.41 5.78 -22.23
CA ARG E 74 13.60 4.35 -22.39
C ARG E 74 13.63 3.91 -23.85
N PHE E 75 13.57 4.85 -24.79
CA PHE E 75 13.66 4.56 -26.22
C PHE E 75 14.87 5.24 -26.82
N ASP E 76 15.70 4.46 -27.50
CA ASP E 76 16.91 4.98 -28.14
C ASP E 76 16.95 4.69 -29.63
N ASP E 77 15.93 4.02 -30.17
CA ASP E 77 15.89 3.68 -31.58
C ASP E 77 14.79 4.51 -32.25
N HIS E 78 15.21 5.54 -32.98
CA HIS E 78 14.25 6.42 -33.65
C HIS E 78 13.46 5.66 -34.71
N ALA E 79 14.10 4.72 -35.40
CA ALA E 79 13.39 3.95 -36.43
C ALA E 79 12.23 3.16 -35.85
N LEU E 80 12.44 2.52 -34.69
CA LEU E 80 11.36 1.82 -34.02
C LEU E 80 10.33 2.79 -33.48
N LEU E 81 10.78 3.89 -32.87
CA LEU E 81 9.89 4.86 -32.28
C LEU E 81 8.98 5.50 -33.33
N SER E 82 9.56 5.88 -34.47
CA SER E 82 8.78 6.52 -35.52
C SER E 82 7.69 5.59 -36.04
N THR E 83 8.04 4.34 -36.30
CA THR E 83 7.03 3.36 -36.73
C THR E 83 6.02 3.08 -35.62
N LEU E 84 6.47 3.18 -34.36
CA LEU E 84 5.59 2.93 -33.22
C LEU E 84 4.47 3.95 -33.14
N THR E 85 4.76 5.22 -33.43
CA THR E 85 3.80 6.31 -33.32
C THR E 85 3.35 6.71 -34.73
N HIS E 86 2.39 5.97 -35.26
CA HIS E 86 1.83 6.26 -36.59
C HIS E 86 0.32 6.35 -36.57
N ASP E 92 -2.69 -0.33 -34.97
CA ASP E 92 -3.51 -0.13 -33.78
C ASP E 92 -2.96 -0.93 -32.59
N MET E 93 -2.13 -1.92 -32.92
CA MET E 93 -1.37 -2.71 -31.94
C MET E 93 -0.11 -1.99 -31.47
N GLN E 94 0.08 -0.73 -31.87
CA GLN E 94 1.28 0.01 -31.49
C GLN E 94 1.50 0.03 -29.99
N GLN E 95 0.40 0.01 -29.22
CA GLN E 95 0.50 -0.01 -27.77
C GLN E 95 1.04 -1.35 -27.26
N ILE E 96 0.50 -2.46 -27.80
CA ILE E 96 0.96 -3.79 -27.41
C ILE E 96 2.43 -3.97 -27.76
N HIS E 97 2.82 -3.55 -28.97
CA HIS E 97 4.18 -3.77 -29.46
C HIS E 97 5.22 -3.16 -28.52
N ALA E 98 4.94 -1.94 -28.04
CA ALA E 98 5.89 -1.25 -27.17
C ALA E 98 6.13 -2.00 -25.86
N ALA E 99 5.13 -2.71 -25.35
CA ALA E 99 5.32 -3.44 -24.09
C ALA E 99 6.30 -4.59 -24.25
N ILE E 100 6.20 -5.34 -25.35
CA ILE E 100 7.08 -6.48 -25.58
C ILE E 100 8.53 -6.02 -25.68
N LEU E 101 8.75 -4.88 -26.31
CA LEU E 101 10.12 -4.36 -26.45
C LEU E 101 10.68 -3.96 -25.09
N LEU E 102 9.89 -3.22 -24.30
CA LEU E 102 10.38 -2.72 -23.02
C LEU E 102 10.58 -3.84 -22.00
N ALA E 103 9.83 -4.94 -22.12
CA ALA E 103 9.94 -6.01 -21.14
C ALA E 103 11.32 -6.65 -21.17
N ARG E 104 11.85 -6.92 -22.37
CA ARG E 104 13.17 -7.53 -22.48
C ARG E 104 14.30 -6.56 -22.19
N GLN E 105 14.04 -5.25 -22.14
CA GLN E 105 15.09 -4.28 -21.87
C GLN E 105 15.70 -4.50 -20.49
N PRO E 106 17.02 -4.43 -20.36
CA PRO E 106 17.66 -4.76 -19.08
C PRO E 106 17.46 -3.68 -18.03
N VAL E 107 17.70 -4.07 -16.78
CA VAL E 107 17.56 -3.18 -15.64
C VAL E 107 18.78 -2.27 -15.51
N SER F 23 -1.31 -32.41 6.87
CA SER F 23 -1.14 -31.19 7.67
C SER F 23 -2.22 -30.16 7.35
N VAL F 24 -2.80 -29.59 8.41
CA VAL F 24 -3.90 -28.64 8.24
C VAL F 24 -3.42 -27.37 7.56
N LEU F 25 -2.26 -26.84 7.98
CA LEU F 25 -1.70 -25.67 7.31
C LEU F 25 -1.43 -25.97 5.84
N GLN F 26 -0.81 -27.13 5.57
CA GLN F 26 -0.56 -27.55 4.21
C GLN F 26 -1.85 -27.56 3.39
N ASP F 27 -2.95 -27.98 4.01
CA ASP F 27 -4.24 -27.99 3.33
C ASP F 27 -4.76 -26.57 3.13
N ALA F 28 -4.60 -25.70 4.12
CA ALA F 28 -5.14 -24.35 4.04
C ALA F 28 -4.55 -23.57 2.87
N ASN F 29 -3.22 -23.61 2.72
CA ASN F 29 -2.58 -22.85 1.65
C ASN F 29 -2.99 -23.38 0.27
N GLN F 30 -3.10 -24.70 0.14
CA GLN F 30 -3.44 -25.28 -1.16
C GLN F 30 -4.86 -24.89 -1.57
N THR F 31 -5.81 -25.01 -0.64
CA THR F 31 -7.18 -24.58 -0.91
C THR F 31 -7.23 -23.09 -1.25
N GLN F 32 -6.46 -22.27 -0.55
CA GLN F 32 -6.42 -20.84 -0.86
C GLN F 32 -5.88 -20.60 -2.27
N LEU F 33 -4.82 -21.33 -2.64
CA LEU F 33 -4.27 -21.20 -3.99
C LEU F 33 -5.30 -21.61 -5.03
N ALA F 34 -6.06 -22.67 -4.76
CA ALA F 34 -7.06 -23.14 -5.70
C ALA F 34 -8.07 -22.03 -6.01
N ILE F 35 -8.47 -21.27 -4.98
CA ILE F 35 -9.42 -20.18 -5.21
C ILE F 35 -8.82 -19.12 -6.11
N GLU F 36 -7.54 -18.81 -5.92
CA GLU F 36 -6.88 -17.82 -6.78
C GLU F 36 -6.95 -18.25 -8.24
N LEU F 37 -6.64 -19.52 -8.50
CA LEU F 37 -6.64 -20.02 -9.87
C LEU F 37 -8.05 -20.04 -10.46
N ILE F 38 -9.04 -20.43 -9.64
CA ILE F 38 -10.43 -20.40 -10.10
C ILE F 38 -10.84 -18.97 -10.43
N GLY F 39 -10.41 -18.02 -9.62
CA GLY F 39 -10.70 -16.61 -9.91
C GLY F 39 -10.10 -16.14 -11.21
N LEU F 40 -8.95 -16.68 -11.58
CA LEU F 40 -8.29 -16.31 -12.82
C LEU F 40 -8.86 -17.05 -14.03
N GLY F 41 -9.82 -17.95 -13.83
CA GLY F 41 -10.41 -18.69 -14.92
C GLY F 41 -9.71 -19.98 -15.27
N ALA F 42 -8.86 -20.50 -14.39
CA ALA F 42 -8.20 -21.76 -14.65
C ALA F 42 -9.21 -22.89 -14.80
N ARG F 43 -8.92 -23.80 -15.71
CA ARG F 43 -9.73 -24.99 -15.94
C ARG F 43 -9.44 -26.03 -14.85
N LEU F 44 -10.27 -27.07 -14.84
CA LEU F 44 -10.21 -28.09 -13.78
C LEU F 44 -8.82 -28.73 -13.71
N GLN F 45 -8.28 -29.14 -14.86
CA GLN F 45 -7.02 -29.86 -14.88
C GLN F 45 -5.87 -29.01 -14.32
N VAL F 46 -5.83 -27.73 -14.67
CA VAL F 46 -4.77 -26.85 -14.17
C VAL F 46 -4.74 -26.87 -12.65
N LEU F 47 -5.92 -26.92 -12.02
CA LEU F 47 -5.99 -26.97 -10.57
C LEU F 47 -5.40 -28.27 -10.04
N GLU F 48 -5.77 -29.40 -10.66
CA GLU F 48 -5.26 -30.70 -10.23
C GLU F 48 -3.74 -30.77 -10.29
N ALA F 49 -3.13 -30.08 -11.26
CA ALA F 49 -1.69 -30.17 -11.41
C ALA F 49 -0.96 -29.41 -10.30
N GLU F 50 -1.42 -28.19 -9.99
CA GLU F 50 -0.69 -27.30 -9.09
C GLU F 50 -1.20 -27.34 -7.66
N THR F 51 -2.21 -28.15 -7.36
CA THR F 51 -2.72 -28.26 -6.00
C THR F 51 -2.82 -29.73 -5.60
N THR F 52 -2.84 -29.96 -4.29
CA THR F 52 -2.97 -31.29 -3.72
C THR F 52 -4.42 -31.66 -3.41
N LEU F 53 -5.37 -30.83 -3.81
CA LEU F 53 -6.77 -31.11 -3.53
C LEU F 53 -7.29 -32.23 -4.43
N SER F 54 -8.28 -32.96 -3.94
CA SER F 54 -8.88 -34.04 -4.71
C SER F 54 -9.60 -33.50 -5.93
N ARG F 55 -9.69 -34.32 -6.98
CA ARG F 55 -10.37 -33.90 -8.20
C ARG F 55 -11.82 -33.52 -7.93
N ASP F 56 -12.51 -34.30 -7.10
CA ASP F 56 -13.91 -34.00 -6.82
C ASP F 56 -14.04 -32.73 -5.99
N ARG F 57 -13.13 -32.54 -5.03
CA ARG F 57 -13.21 -31.36 -4.17
C ARG F 57 -13.10 -30.07 -5.00
N LEU F 58 -12.25 -30.08 -6.02
CA LEU F 58 -12.13 -28.92 -6.89
C LEU F 58 -13.46 -28.61 -7.56
N ILE F 59 -14.19 -29.65 -7.97
CA ILE F 59 -15.47 -29.45 -8.62
C ILE F 59 -16.46 -28.77 -7.66
N ARG F 60 -16.52 -29.25 -6.41
CA ARG F 60 -17.37 -28.60 -5.42
C ARG F 60 -16.92 -27.16 -5.17
N LEU F 61 -15.61 -26.95 -5.12
CA LEU F 61 -15.09 -25.59 -4.93
C LEU F 61 -15.40 -24.73 -6.16
N TYR F 62 -15.16 -25.27 -7.35
CA TYR F 62 -15.47 -24.52 -8.57
C TYR F 62 -16.97 -24.21 -8.65
N LYS F 63 -17.82 -25.16 -8.24
CA LYS F 63 -19.26 -24.93 -8.23
C LYS F 63 -19.66 -23.87 -7.20
N GLU F 64 -18.90 -23.74 -6.11
CA GLU F 64 -19.23 -22.73 -5.10
C GLU F 64 -18.80 -21.33 -5.53
N LEU F 65 -17.57 -21.18 -6.04
CA LEU F 65 -17.12 -19.89 -6.54
C LEU F 65 -17.94 -19.45 -7.74
N ARG F 66 -17.74 -20.10 -8.87
CA ARG F 66 -18.48 -19.75 -10.07
C ARG F 66 -19.80 -20.50 -10.10
N GLY F 67 -20.78 -19.93 -10.81
CA GLY F 67 -22.13 -20.45 -10.76
C GLY F 67 -22.23 -21.90 -11.22
N VAL F 68 -21.48 -22.25 -12.27
CA VAL F 68 -21.61 -23.53 -12.92
C VAL F 68 -20.43 -24.43 -12.54
N SER F 69 -20.50 -25.68 -12.96
CA SER F 69 -19.47 -26.68 -12.73
C SER F 69 -18.31 -26.45 -13.70
N PRO F 70 -17.18 -27.13 -13.52
CA PRO F 70 -16.02 -26.87 -14.37
C PRO F 70 -16.37 -27.06 -15.84
N PRO F 71 -15.60 -26.44 -16.75
CA PRO F 71 -16.00 -26.39 -18.16
C PRO F 71 -16.06 -27.75 -18.84
N LYS F 72 -15.58 -28.82 -18.20
CA LYS F 72 -15.56 -30.19 -18.71
C LYS F 72 -14.72 -30.34 -19.98
N GLY F 73 -14.17 -29.25 -20.49
CA GLY F 73 -13.26 -29.33 -21.62
C GLY F 73 -11.88 -29.80 -21.17
N MET F 74 -11.23 -30.58 -22.03
CA MET F 74 -9.92 -31.10 -21.68
C MET F 74 -8.81 -30.09 -22.00
N LEU F 75 -7.65 -30.35 -21.41
CA LEU F 75 -6.50 -29.48 -21.55
C LEU F 75 -6.13 -29.32 -23.02
N PRO F 76 -5.79 -28.10 -23.48
CA PRO F 76 -5.60 -27.87 -24.91
C PRO F 76 -4.37 -28.55 -25.48
N PHE F 77 -3.19 -28.17 -24.96
CA PHE F 77 -1.89 -28.66 -25.42
C PHE F 77 -1.75 -28.83 -26.93
N SER F 78 -1.80 -27.73 -27.67
CA SER F 78 -1.49 -27.72 -29.10
C SER F 78 -0.75 -26.43 -29.44
N THR F 79 0.29 -26.56 -30.27
CA THR F 79 1.14 -25.43 -30.62
C THR F 79 0.68 -24.68 -31.85
N ASP F 80 -0.23 -25.24 -32.65
CA ASP F 80 -0.72 -24.53 -33.83
C ASP F 80 -1.35 -23.18 -33.45
N TRP F 81 -2.05 -23.14 -32.30
CA TRP F 81 -2.72 -21.92 -31.86
C TRP F 81 -1.73 -20.78 -31.64
N PHE F 82 -0.61 -21.06 -30.98
CA PHE F 82 0.25 -19.99 -30.51
C PHE F 82 1.05 -19.31 -31.61
N THR F 83 0.95 -19.79 -32.85
CA THR F 83 1.56 -19.12 -34.00
C THR F 83 0.54 -18.38 -34.85
N THR F 84 -0.74 -18.44 -34.47
CA THR F 84 -1.77 -17.65 -35.13
C THR F 84 -1.55 -16.16 -34.90
N TRP F 85 -2.02 -15.36 -35.85
CA TRP F 85 -1.64 -13.94 -35.95
C TRP F 85 -1.95 -13.19 -34.66
N LEU F 86 -3.22 -13.23 -34.21
CA LEU F 86 -3.55 -12.52 -32.98
C LEU F 86 -3.01 -13.19 -31.72
N PRO F 87 -3.14 -14.50 -31.51
CA PRO F 87 -2.61 -15.09 -30.27
C PRO F 87 -1.10 -14.97 -30.11
N ASN F 88 -0.34 -15.12 -31.20
CA ASN F 88 1.11 -14.98 -31.11
C ASN F 88 1.49 -13.65 -30.45
N ILE F 89 0.75 -12.60 -30.76
CA ILE F 89 0.99 -11.30 -30.14
C ILE F 89 0.80 -11.39 -28.63
N HIS F 90 -0.38 -11.84 -28.21
CA HIS F 90 -0.70 -11.88 -26.78
C HIS F 90 0.22 -12.84 -26.04
N SER F 91 0.51 -13.99 -26.64
CA SER F 91 1.38 -14.98 -25.99
C SER F 91 2.80 -14.46 -25.84
N SER F 92 3.34 -13.88 -26.92
CA SER F 92 4.68 -13.31 -26.87
C SER F 92 4.76 -12.17 -25.86
N LEU F 93 3.68 -11.41 -25.68
CA LEU F 93 3.67 -10.37 -24.66
C LEU F 93 3.64 -10.98 -23.27
N PHE F 94 2.70 -11.90 -23.03
CA PHE F 94 2.59 -12.56 -21.73
C PHE F 94 3.92 -13.23 -21.34
N PHE F 95 4.53 -13.94 -22.28
CA PHE F 95 5.76 -14.65 -21.94
C PHE F 95 6.89 -13.69 -21.60
N SER F 96 7.02 -12.58 -22.34
CA SER F 96 8.06 -11.60 -22.01
C SER F 96 7.89 -11.06 -20.60
N ALA F 97 6.65 -10.97 -20.11
CA ALA F 97 6.43 -10.61 -18.71
C ALA F 97 6.81 -11.78 -17.80
N TYR F 98 6.38 -12.99 -18.15
CA TYR F 98 6.75 -14.18 -17.38
C TYR F 98 8.25 -14.33 -17.27
N GLN F 99 8.96 -14.15 -18.39
CA GLN F 99 10.42 -14.28 -18.40
C GLN F 99 11.06 -13.37 -17.37
N PHE F 100 10.54 -12.14 -17.21
CA PHE F 100 11.11 -11.24 -16.20
C PHE F 100 10.86 -11.76 -14.79
N MET F 101 9.71 -12.38 -14.55
CA MET F 101 9.41 -12.87 -13.21
C MET F 101 10.40 -13.94 -12.75
N VAL F 102 10.77 -14.84 -13.65
CA VAL F 102 11.71 -15.89 -13.26
C VAL F 102 13.15 -15.38 -13.31
N GLN F 103 13.52 -14.65 -14.37
CA GLN F 103 14.91 -14.28 -14.58
C GLN F 103 15.41 -13.29 -13.53
N GLU F 104 14.71 -12.18 -13.36
CA GLU F 104 15.14 -11.13 -12.46
C GLU F 104 14.19 -10.88 -11.30
N GLY F 105 12.96 -11.40 -11.34
CA GLY F 105 12.02 -11.23 -10.26
C GLY F 105 12.22 -12.13 -9.07
N GLU F 106 13.08 -13.15 -9.20
CA GLU F 106 13.40 -14.07 -8.10
C GLU F 106 12.15 -14.75 -7.54
N THR F 107 11.13 -14.95 -8.38
CA THR F 107 9.95 -15.72 -8.01
C THR F 107 9.68 -16.70 -9.14
N VAL F 108 9.65 -17.98 -8.80
CA VAL F 108 9.51 -19.05 -9.78
C VAL F 108 8.31 -19.90 -9.41
N GLY F 109 7.95 -20.81 -10.32
CA GLY F 109 6.86 -21.74 -10.05
C GLY F 109 5.52 -21.23 -10.52
N ILE F 110 4.45 -21.72 -9.90
CA ILE F 110 3.10 -21.25 -10.25
C ILE F 110 2.96 -19.77 -9.91
N ARG F 111 3.69 -19.30 -8.90
CA ARG F 111 3.69 -17.87 -8.56
C ARG F 111 4.12 -17.03 -9.75
N ALA F 112 5.19 -17.44 -10.43
CA ALA F 112 5.66 -16.71 -11.59
C ALA F 112 4.59 -16.68 -12.68
N VAL F 113 3.90 -17.80 -12.89
CA VAL F 113 2.87 -17.86 -13.93
C VAL F 113 1.75 -16.88 -13.65
N VAL F 114 1.31 -16.80 -12.38
CA VAL F 114 0.17 -15.95 -12.04
C VAL F 114 0.55 -14.48 -12.14
N ALA F 115 1.69 -14.09 -11.56
CA ALA F 115 2.09 -12.69 -11.57
C ALA F 115 2.24 -12.16 -12.98
N ALA F 116 2.70 -13.01 -13.90
CA ALA F 116 2.78 -12.60 -15.31
C ALA F 116 1.39 -12.45 -15.93
N TYR F 117 0.48 -13.38 -15.62
CA TYR F 117 -0.87 -13.29 -16.17
C TYR F 117 -1.60 -12.06 -15.65
N ARG F 118 -1.40 -11.71 -14.38
CA ARG F 118 -2.01 -10.49 -13.85
C ARG F 118 -1.58 -9.28 -14.65
N LEU F 119 -0.30 -9.20 -15.00
CA LEU F 119 0.18 -8.08 -15.82
C LEU F 119 -0.38 -8.16 -17.23
N TYR F 120 -0.47 -9.37 -17.80
CA TYR F 120 -1.07 -9.53 -19.12
C TYR F 120 -2.49 -9.00 -19.16
N LEU F 121 -3.31 -9.41 -18.20
CA LEU F 121 -4.67 -8.88 -18.10
C LEU F 121 -4.65 -7.36 -17.95
N GLU F 122 -3.72 -6.85 -17.13
CA GLU F 122 -3.58 -5.41 -16.96
C GLU F 122 -3.44 -4.70 -18.29
N HIS F 123 -2.60 -5.24 -19.18
CA HIS F 123 -2.38 -4.60 -20.46
C HIS F 123 -3.62 -4.62 -21.35
N VAL F 124 -4.53 -5.57 -21.13
CA VAL F 124 -5.74 -5.67 -21.94
C VAL F 124 -6.60 -4.43 -21.75
N SER F 125 -6.62 -3.87 -20.53
CA SER F 125 -7.52 -2.76 -20.22
C SER F 125 -7.30 -1.58 -21.16
N LEU F 126 -6.04 -1.28 -21.48
CA LEU F 126 -5.75 -0.13 -22.33
C LEU F 126 -6.24 -0.36 -23.76
N LEU F 127 -5.84 -1.49 -24.37
CA LEU F 127 -6.30 -1.81 -25.72
C LEU F 127 -7.82 -1.94 -25.79
N GLY F 128 -8.43 -2.40 -24.70
CA GLY F 128 -9.88 -2.57 -24.64
C GLY F 128 -10.41 -3.83 -25.28
N GLY F 129 -9.56 -4.61 -25.94
CA GLY F 129 -10.00 -5.84 -26.56
C GLY F 129 -10.29 -6.94 -25.55
N GLU F 130 -10.90 -8.00 -26.07
CA GLU F 130 -11.23 -9.16 -25.25
C GLU F 130 -9.97 -9.94 -24.90
N ILE F 131 -10.01 -10.62 -23.76
CA ILE F 131 -8.88 -11.43 -23.29
C ILE F 131 -8.66 -12.60 -24.24
N VAL F 132 -7.60 -12.53 -25.05
CA VAL F 132 -7.38 -13.56 -26.06
C VAL F 132 -6.65 -14.77 -25.50
N LEU F 133 -5.82 -14.57 -24.47
CA LEU F 133 -5.06 -15.66 -23.84
C LEU F 133 -5.72 -16.02 -22.52
N SER F 134 -6.42 -17.15 -22.49
CA SER F 134 -6.96 -17.66 -21.24
C SER F 134 -5.83 -18.14 -20.33
N PHE F 135 -6.08 -18.08 -19.02
CA PHE F 135 -5.06 -18.49 -18.07
C PHE F 135 -4.60 -19.93 -18.33
N THR F 136 -5.53 -20.78 -18.75
CA THR F 136 -5.16 -22.17 -19.05
C THR F 136 -4.19 -22.25 -20.22
N ARG F 137 -4.47 -21.51 -21.29
CA ARG F 137 -3.52 -21.45 -22.40
C ARG F 137 -2.21 -20.82 -21.97
N ALA F 138 -2.29 -19.81 -21.10
CA ALA F 138 -1.07 -19.19 -20.57
C ALA F 138 -0.26 -20.20 -19.77
N TRP F 139 -0.92 -20.95 -18.89
CA TRP F 139 -0.23 -22.00 -18.14
C TRP F 139 0.27 -23.11 -19.07
N THR F 140 -0.49 -23.40 -20.14
CA THR F 140 -0.03 -24.38 -21.12
C THR F 140 1.22 -23.89 -21.83
N LEU F 141 1.26 -22.61 -22.22
CA LEU F 141 2.43 -22.04 -22.88
C LEU F 141 3.68 -22.17 -22.03
N VAL F 142 3.56 -21.94 -20.72
CA VAL F 142 4.73 -22.03 -19.86
C VAL F 142 5.23 -23.47 -19.78
N ARG F 143 4.32 -24.43 -19.66
CA ARG F 143 4.74 -25.82 -19.62
C ARG F 143 5.31 -26.27 -20.97
N PHE F 144 4.84 -25.70 -22.08
CA PHE F 144 5.44 -25.99 -23.38
C PHE F 144 6.91 -25.58 -23.41
N PHE F 145 7.21 -24.38 -22.90
CA PHE F 145 8.60 -23.94 -22.86
C PHE F 145 9.42 -24.78 -21.88
N GLU F 146 8.84 -25.13 -20.74
CA GLU F 146 9.53 -25.99 -19.78
C GLU F 146 9.94 -27.32 -20.41
N SER F 147 9.18 -27.78 -21.42
CA SER F 147 9.47 -29.02 -22.12
C SER F 147 10.16 -28.80 -23.47
N ASN F 148 10.57 -27.56 -23.77
CA ASN F 148 11.35 -27.26 -24.97
C ASN F 148 10.61 -27.66 -26.24
N MET F 149 9.31 -27.38 -26.28
CA MET F 149 8.50 -27.59 -27.47
C MET F 149 8.15 -26.31 -28.20
N LEU F 150 8.46 -25.15 -27.63
CA LEU F 150 8.21 -23.84 -28.23
C LEU F 150 9.43 -22.97 -27.99
N GLN F 151 9.61 -21.97 -28.85
CA GLN F 151 10.89 -21.30 -28.97
C GLN F 151 10.71 -19.79 -28.99
N LEU F 152 11.79 -19.08 -28.69
CA LEU F 152 11.84 -17.63 -28.71
C LEU F 152 12.82 -17.19 -29.78
N SER F 153 12.32 -16.50 -30.81
CA SER F 153 13.15 -16.00 -31.90
C SER F 153 13.20 -14.48 -31.83
N ARG F 154 14.39 -13.91 -31.96
CA ARG F 154 14.55 -12.46 -31.93
C ARG F 154 14.28 -11.89 -33.31
N CYS F 155 13.49 -10.82 -33.36
CA CYS F 155 13.08 -10.23 -34.62
C CYS F 155 14.24 -9.46 -35.24
N THR F 156 14.48 -9.70 -36.52
CA THR F 156 15.56 -9.02 -37.23
C THR F 156 15.29 -7.53 -37.34
N CYS F 157 14.03 -7.13 -37.47
CA CYS F 157 13.68 -5.72 -37.68
C CYS F 157 13.55 -4.96 -36.35
N CYS F 158 12.61 -5.36 -35.50
CA CYS F 158 12.32 -4.61 -34.28
C CYS F 158 13.20 -5.02 -33.10
N GLY F 159 13.55 -6.30 -33.00
CA GLY F 159 14.41 -6.77 -31.93
C GLY F 159 13.70 -7.40 -30.76
N GLY F 160 12.36 -7.42 -30.76
CA GLY F 160 11.64 -8.10 -29.70
C GLY F 160 11.56 -9.58 -29.98
N GLN F 161 11.57 -10.37 -28.91
CA GLN F 161 11.59 -11.82 -29.02
C GLN F 161 10.17 -12.35 -28.90
N PHE F 162 9.74 -13.09 -29.92
CA PHE F 162 8.41 -13.66 -30.03
C PHE F 162 8.52 -15.19 -30.03
N VAL F 163 7.36 -15.83 -29.95
CA VAL F 163 7.32 -17.30 -29.93
C VAL F 163 7.28 -17.83 -31.35
N THR F 164 7.96 -18.95 -31.56
CA THR F 164 7.98 -19.65 -32.83
C THR F 164 8.03 -21.14 -32.56
N HIS F 165 7.81 -21.91 -33.61
CA HIS F 165 7.87 -23.36 -33.49
C HIS F 165 9.28 -23.80 -33.12
N ALA F 166 9.37 -24.97 -32.49
CA ALA F 166 10.67 -25.52 -32.11
C ALA F 166 11.51 -25.74 -33.35
N TYR F 167 12.78 -25.35 -33.28
CA TYR F 167 13.78 -25.56 -34.32
C TYR F 167 13.47 -24.76 -35.58
N GLU F 168 12.70 -23.66 -35.45
CA GLU F 168 12.44 -22.73 -36.55
C GLU F 168 13.67 -21.87 -36.81
N PRO F 169 13.97 -21.56 -38.07
CA PRO F 169 15.22 -20.87 -38.39
C PRO F 169 15.12 -19.35 -38.19
N HIS F 170 16.26 -18.77 -37.82
CA HIS F 170 16.39 -17.33 -37.65
C HIS F 170 16.88 -16.71 -38.95
N ALA F 171 17.34 -15.45 -38.88
CA ALA F 171 17.94 -14.72 -40.00
C ALA F 171 16.93 -14.40 -41.10
N ASN F 172 15.76 -15.00 -41.00
CA ASN F 172 14.63 -14.66 -41.87
C ASN F 172 13.39 -14.32 -41.06
N PHE F 173 13.53 -14.13 -39.75
CA PHE F 173 12.37 -13.91 -38.91
C PHE F 173 11.94 -12.45 -38.93
N VAL F 174 10.64 -12.24 -39.05
CA VAL F 174 10.01 -10.93 -38.91
C VAL F 174 8.76 -11.11 -38.08
N CYS F 175 8.59 -10.27 -37.06
CA CYS F 175 7.47 -10.45 -36.15
C CYS F 175 6.15 -10.18 -36.84
N SER F 176 5.07 -10.64 -36.20
CA SER F 176 3.73 -10.45 -36.76
C SER F 176 3.38 -8.96 -36.86
N LEU F 177 3.97 -8.14 -35.99
CA LEU F 177 3.65 -6.72 -35.96
C LEU F 177 4.39 -5.94 -37.04
N CYS F 178 5.67 -6.28 -37.29
CA CYS F 178 6.41 -5.59 -38.32
C CYS F 178 5.92 -5.91 -39.74
N ARG F 179 5.26 -7.05 -39.94
CA ARG F 179 4.87 -7.48 -41.28
C ARG F 179 3.72 -8.47 -41.23
N PRO F 180 2.47 -8.01 -41.02
CA PRO F 180 1.30 -8.89 -40.91
C PRO F 180 0.91 -9.54 -42.24
#